data_6QYA
#
_entry.id   6QYA
#
_cell.length_a   73.160
_cell.length_b   95.101
_cell.length_c   97.409
_cell.angle_alpha   90.00
_cell.angle_beta   93.63
_cell.angle_gamma   90.00
#
_symmetry.space_group_name_H-M   'P 1 21 1'
#
loop_
_entity.id
_entity.type
_entity.pdbx_description
1 polymer 'Thymidylate synthase'
2 polymer 'Thymidylate synthase'
3 non-polymer "2'-DEOXYURIDINE 5'-MONOPHOSPHATE"
4 non-polymer 1,2-ETHANEDIOL
5 non-polymer 'N-[4-({[(6S)-2-amino-5-formyl-4-oxo-3,4,5,6,7,8-hexahydropteridin-6-yl]methyl}amino)benzoyl]-L-glutamic acid'
6 non-polymer 'SULFATE ION'
7 non-polymer 'CHLORIDE ION'
8 water water
#
loop_
_entity_poly.entity_id
_entity_poly.type
_entity_poly.pdbx_seq_one_letter_code
_entity_poly.pdbx_strand_id
1 'polypeptide(L)'
;MEEAYLALGKKILEEGHFKEDRTGTGTYSLFGYQMRFDLAKGFPLLTTKRVPFGLIKSELLWFLKGDTNIRYLLERNNHI
WDEWAFERYVKSADYQGPDMTDFGHRVLQDPAFAEQYKEEHQKFCDAILNDAEFAEKYGELGNIYGAQWRHWETKDGSFI
DQLANVIEMIKTNPDSRRLIVSAWNPEDVPSMALPP(CSX)HTMFQFYVNEGKLSCQLYQRSADVFLGVPFNIASYALLT
HLIAHETGLEVGEFVHTLGDAHLYQNHVEQMQEQLSREVRSFPTLVLNPDKASVFDFDMEDIKVEGYDPHPTIKAPIAV
;
A,C
2 'polypeptide(L)'
;MEEAYLALGKKILEEGHFKEDRTGTGTYSLFGYQMRFDLAKGFPLLTTKRVPFGLIKSELLWFLKGDTNIRYLLERNNHI
WDEWAFERYVKSADYQGPDMTDFGHRVLQDPAFAEQYKEEHQKFCDAILNDAEFAEKYGELGNIYGAQWRHWETKDGSFI
DQLANVIEMIKTNPDSRRLIVSAWNPEDVPSMALPP(CME)HTMFQFYVNEGKLSCQLYQRSADVFLGVPFNIASYALLT
HLIAHETGLEVGEFVHTLGDAHLYQNHVEQMQEQLSREVRSFPTLVLNPDKASVFDFDMEDIKVEGYDPHPTIKAPIAV
;
B,D
#
# COMPACT_ATOMS: atom_id res chain seq x y z
N MET A 1 8.69 14.14 -10.23
CA MET A 1 10.01 14.02 -10.91
C MET A 1 10.15 15.14 -11.94
N GLU A 2 11.39 15.44 -12.37
CA GLU A 2 11.64 16.48 -13.36
C GLU A 2 10.94 16.17 -14.67
N GLU A 3 10.82 14.89 -14.98
CA GLU A 3 10.12 14.49 -16.18
C GLU A 3 8.64 14.89 -16.10
N ALA A 4 8.08 14.97 -14.88
CA ALA A 4 6.67 15.34 -14.85
C ALA A 4 6.51 16.83 -15.21
N TYR A 5 7.46 17.68 -14.79
CA TYR A 5 7.45 19.07 -15.30
C TYR A 5 7.58 19.20 -16.80
N LEU A 6 8.55 18.44 -17.38
CA LEU A 6 8.88 18.53 -18.79
C LEU A 6 7.70 18.00 -19.61
N ALA A 7 7.00 17.01 -19.04
CA ALA A 7 5.79 16.51 -19.68
C ALA A 7 4.68 17.54 -19.78
N LEU A 8 4.51 18.39 -18.75
CA LEU A 8 3.59 19.50 -18.80
C LEU A 8 3.94 20.54 -19.88
N GLY A 9 5.21 20.96 -19.95
CA GLY A 9 5.66 21.81 -21.07
C GLY A 9 5.29 21.21 -22.44
N LYS A 10 5.64 19.94 -22.63
CA LYS A 10 5.41 19.29 -23.93
C LYS A 10 3.88 19.19 -24.25
N LYS A 11 3.06 18.79 -23.27
CA LYS A 11 1.62 18.75 -23.45
C LYS A 11 1.05 20.11 -23.89
N ILE A 12 1.41 21.20 -23.21
CA ILE A 12 0.94 22.54 -23.66
C ILE A 12 1.41 22.91 -25.08
N LEU A 13 2.68 22.61 -25.46
CA LEU A 13 3.11 22.85 -26.83
C LEU A 13 2.25 22.04 -27.84
N GLU A 14 1.88 20.82 -27.49
CA GLU A 14 1.08 19.98 -28.43
C GLU A 14 -0.44 20.23 -28.41
N GLU A 15 -1.04 20.39 -27.22
CA GLU A 15 -2.53 20.42 -27.12
C GLU A 15 -3.12 21.68 -26.47
N GLY A 16 -2.28 22.49 -25.83
N GLY A 16 -2.31 22.64 -26.01
CA GLY A 16 -2.77 23.73 -25.27
CA GLY A 16 -2.82 23.79 -25.25
C GLY A 16 -3.54 24.45 -26.36
C GLY A 16 -3.41 24.87 -26.16
N HIS A 17 -4.73 24.95 -26.02
N HIS A 17 -4.26 25.77 -25.58
CA HIS A 17 -5.50 25.72 -26.98
CA HIS A 17 -5.19 26.66 -26.29
C HIS A 17 -5.05 27.18 -26.89
C HIS A 17 -4.61 28.06 -26.45
N PHE A 18 -5.08 27.93 -28.01
N PHE A 18 -4.80 28.73 -27.62
CA PHE A 18 -4.74 29.34 -28.00
CA PHE A 18 -4.10 29.98 -27.80
C PHE A 18 -5.77 30.10 -27.16
C PHE A 18 -4.73 31.09 -26.94
N LYS A 19 -5.30 30.99 -26.28
N LYS A 19 -5.65 30.72 -26.03
CA LYS A 19 -6.21 31.72 -25.38
CA LYS A 19 -6.36 31.70 -25.20
C LYS A 19 -5.61 33.09 -25.03
C LYS A 19 -5.63 33.05 -25.11
N GLU A 20 -6.37 34.16 -25.30
CA GLU A 20 -5.89 35.53 -25.06
C GLU A 20 -5.68 35.68 -23.53
N ASP A 21 -5.03 36.77 -23.12
CA ASP A 21 -4.79 37.00 -21.71
C ASP A 21 -4.67 38.50 -21.42
N ARG A 22 -4.80 38.79 -20.10
CA ARG A 22 -4.68 40.11 -19.49
C ARG A 22 -3.60 40.98 -20.13
N THR A 23 -2.40 40.43 -20.31
CA THR A 23 -1.24 41.23 -20.77
C THR A 23 -1.29 41.57 -22.26
N GLY A 24 -2.10 40.88 -23.05
CA GLY A 24 -2.11 41.14 -24.50
C GLY A 24 -1.03 40.36 -25.24
N THR A 25 -0.29 39.53 -24.53
CA THR A 25 0.66 38.58 -25.14
C THR A 25 -0.16 37.35 -25.55
N GLY A 26 0.34 36.53 -26.44
CA GLY A 26 -0.47 35.31 -26.61
C GLY A 26 -0.06 34.25 -25.61
N THR A 27 -0.93 33.30 -25.32
CA THR A 27 -0.55 32.10 -24.53
C THR A 27 -1.20 30.84 -25.12
N TYR A 28 -0.58 29.69 -24.90
CA TYR A 28 -1.16 28.38 -25.10
C TYR A 28 -1.39 27.84 -23.66
N SER A 29 -2.62 27.41 -23.40
CA SER A 29 -3.06 27.11 -22.03
C SER A 29 -3.85 25.81 -21.91
N LEU A 30 -3.77 25.21 -20.71
CA LEU A 30 -4.62 24.10 -20.29
C LEU A 30 -5.17 24.46 -18.90
N PHE A 31 -6.32 23.88 -18.55
CA PHE A 31 -6.87 24.11 -17.23
C PHE A 31 -6.93 22.77 -16.43
N GLY A 32 -6.33 22.84 -15.23
CA GLY A 32 -6.37 21.73 -14.28
C GLY A 32 -5.25 20.73 -14.57
N TYR A 33 -4.27 20.68 -13.70
CA TYR A 33 -3.15 19.81 -13.84
C TYR A 33 -2.59 19.44 -12.46
N GLN A 34 -1.93 18.29 -12.29
CA GLN A 34 -1.36 17.97 -10.98
C GLN A 34 -0.03 17.22 -11.18
N MET A 35 1.04 17.68 -10.48
CA MET A 35 2.35 17.01 -10.50
C MET A 35 2.75 16.61 -9.08
N ARG A 36 3.46 15.47 -8.93
CA ARG A 36 3.93 15.00 -7.59
C ARG A 36 5.47 14.99 -7.55
N PHE A 37 6.04 15.40 -6.41
CA PHE A 37 7.49 15.41 -6.20
C PHE A 37 7.73 14.59 -4.93
N ASP A 38 8.36 13.38 -5.05
CA ASP A 38 8.67 12.67 -3.81
C ASP A 38 10.00 13.22 -3.23
N LEU A 39 9.93 13.93 -2.09
CA LEU A 39 11.10 14.73 -1.67
C LEU A 39 12.24 13.85 -1.13
N ALA A 40 11.96 12.60 -0.81
CA ALA A 40 12.99 11.59 -0.49
C ALA A 40 13.92 11.29 -1.68
N LYS A 41 13.47 11.54 -2.92
CA LYS A 41 14.22 11.23 -4.13
C LYS A 41 15.19 12.33 -4.52
N GLY A 42 15.14 13.50 -3.89
CA GLY A 42 16.04 14.58 -4.27
C GLY A 42 15.28 15.89 -4.13
N PHE A 43 15.99 17.02 -4.05
CA PHE A 43 15.32 18.32 -3.85
C PHE A 43 15.06 18.92 -5.24
N PRO A 44 13.77 19.19 -5.61
CA PRO A 44 13.41 19.47 -7.01
C PRO A 44 13.73 20.86 -7.57
N LEU A 45 15.06 21.15 -7.64
CA LEU A 45 15.54 22.35 -8.28
C LEU A 45 16.02 21.91 -9.68
N LEU A 46 15.40 22.47 -10.74
CA LEU A 46 15.48 21.75 -12.03
C LEU A 46 16.94 21.63 -12.54
N THR A 47 17.25 20.54 -13.29
CA THR A 47 18.63 20.33 -13.85
C THR A 47 18.71 20.72 -15.34
N THR A 48 17.54 20.79 -16.02
CA THR A 48 17.59 20.97 -17.47
C THR A 48 17.75 22.43 -17.80
N LYS A 49 17.71 23.34 -16.79
CA LYS A 49 18.22 24.71 -16.89
C LYS A 49 18.56 25.18 -15.49
N ARG A 50 19.44 26.22 -15.37
CA ARG A 50 19.79 26.76 -14.06
C ARG A 50 18.67 27.59 -13.45
N VAL A 51 18.38 27.27 -12.18
CA VAL A 51 17.38 28.00 -11.43
C VAL A 51 18.11 28.60 -10.22
N PRO A 52 17.95 29.92 -9.94
CA PRO A 52 18.71 30.61 -8.86
C PRO A 52 18.12 30.41 -7.45
N PHE A 53 18.67 29.45 -6.74
CA PHE A 53 18.16 29.08 -5.40
C PHE A 53 18.36 30.23 -4.41
N GLY A 54 19.36 31.14 -4.67
CA GLY A 54 19.53 32.26 -3.75
C GLY A 54 18.30 33.18 -3.60
N LEU A 55 17.64 33.52 -4.72
CA LEU A 55 16.49 34.39 -4.72
C LEU A 55 15.28 33.66 -4.09
N ILE A 56 15.14 32.36 -4.37
CA ILE A 56 14.08 31.55 -3.77
C ILE A 56 14.20 31.53 -2.24
N LYS A 57 15.51 31.29 -1.75
CA LYS A 57 15.59 31.20 -0.28
C LYS A 57 15.42 32.58 0.40
N SER A 58 15.89 33.71 -0.09
CA SER A 58 15.70 35.00 0.61
C SER A 58 14.22 35.38 0.59
N GLU A 59 13.56 35.02 -0.52
CA GLU A 59 12.17 35.37 -0.61
C GLU A 59 11.38 34.50 0.36
N LEU A 60 11.71 33.19 0.45
CA LEU A 60 10.90 32.34 1.34
C LEU A 60 11.12 32.68 2.83
N LEU A 61 12.33 33.09 3.18
CA LEU A 61 12.53 33.40 4.61
C LEU A 61 11.85 34.69 4.97
N TRP A 62 11.85 35.67 4.04
CA TRP A 62 11.10 36.91 4.17
C TRP A 62 9.62 36.63 4.46
N PHE A 63 8.98 35.77 3.65
CA PHE A 63 7.57 35.54 3.93
C PHE A 63 7.38 34.87 5.30
N LEU A 64 8.23 33.88 5.64
CA LEU A 64 8.05 33.05 6.84
C LEU A 64 8.08 33.94 8.05
N LYS A 65 8.91 35.01 8.00
CA LYS A 65 9.11 35.87 9.16
CA LYS A 65 9.11 35.86 9.16
C LYS A 65 8.04 36.95 9.20
N GLY A 66 7.11 36.88 8.24
CA GLY A 66 6.01 37.82 8.18
C GLY A 66 6.55 39.22 7.89
N ASP A 67 7.82 39.29 7.46
CA ASP A 67 8.31 40.61 7.08
C ASP A 67 7.74 41.05 5.72
N THR A 68 7.49 42.35 5.59
CA THR A 68 6.93 42.90 4.37
C THR A 68 7.70 44.17 3.88
N ASN A 69 8.89 44.41 4.45
CA ASN A 69 9.71 45.57 4.12
C ASN A 69 10.91 45.11 3.28
N ILE A 70 11.34 45.89 2.27
CA ILE A 70 12.33 45.34 1.33
C ILE A 70 13.76 45.35 1.90
N ARG A 71 13.98 46.01 3.06
CA ARG A 71 15.33 46.13 3.59
C ARG A 71 15.98 44.75 3.69
N TYR A 72 15.19 43.82 4.23
CA TYR A 72 15.57 42.43 4.41
C TYR A 72 16.08 41.83 3.10
N LEU A 73 15.37 42.06 1.98
CA LEU A 73 15.72 41.45 0.69
C LEU A 73 17.03 42.04 0.16
N LEU A 74 17.15 43.37 0.25
CA LEU A 74 18.25 44.13 -0.31
C LEU A 74 19.57 43.68 0.29
N GLU A 75 19.59 43.52 1.62
CA GLU A 75 20.75 42.97 2.31
C GLU A 75 21.16 41.61 1.77
N ARG A 76 20.22 40.83 1.22
CA ARG A 76 20.57 39.50 0.79
C ARG A 76 20.61 39.41 -0.74
N ASN A 77 20.75 40.54 -1.44
CA ASN A 77 21.00 40.63 -2.88
C ASN A 77 19.84 40.14 -3.76
N ASN A 78 18.61 40.38 -3.28
CA ASN A 78 17.38 39.99 -3.99
C ASN A 78 16.67 41.30 -4.33
N HIS A 79 16.60 41.56 -5.65
CA HIS A 79 16.24 42.88 -6.14
C HIS A 79 14.86 42.81 -6.79
N ILE A 80 14.06 41.79 -6.42
CA ILE A 80 12.91 41.50 -7.25
C ILE A 80 11.82 42.53 -6.96
N TRP A 81 12.12 43.50 -6.08
CA TRP A 81 11.19 44.56 -5.70
C TRP A 81 11.77 45.97 -5.90
N ASP A 82 13.09 46.09 -6.17
CA ASP A 82 13.76 47.39 -6.19
C ASP A 82 12.98 48.47 -6.94
N GLU A 83 12.69 48.26 -8.23
CA GLU A 83 12.15 49.36 -9.02
C GLU A 83 10.84 49.88 -8.40
N TRP A 84 9.91 48.98 -8.06
CA TRP A 84 8.58 49.34 -7.56
C TRP A 84 8.69 50.32 -6.39
N ALA A 85 9.53 49.98 -5.40
CA ALA A 85 9.64 50.71 -4.14
C ALA A 85 10.20 52.09 -4.41
N PHE A 86 11.13 52.18 -5.37
CA PHE A 86 11.66 53.44 -5.84
C PHE A 86 10.56 54.30 -6.50
N GLU A 87 9.63 53.64 -7.22
CA GLU A 87 8.58 54.29 -8.01
C GLU A 87 7.52 54.88 -7.09
N ARG A 88 7.23 54.14 -6.01
CA ARG A 88 6.50 54.60 -4.83
C ARG A 88 7.12 55.91 -4.30
N TYR A 89 8.48 55.93 -4.20
CA TYR A 89 9.21 57.06 -3.66
C TYR A 89 9.16 58.29 -4.56
N VAL A 90 9.18 58.06 -5.89
CA VAL A 90 9.28 59.07 -6.93
C VAL A 90 7.90 59.73 -7.08
N LYS A 91 7.29 60.12 -5.97
CA LYS A 91 5.87 60.49 -5.90
C LYS A 91 5.51 60.99 -4.50
N CYS A 125 17.55 53.75 -1.95
CA CYS A 125 18.13 52.42 -2.31
C CYS A 125 19.37 52.16 -1.47
N ASP A 126 20.13 53.23 -1.20
CA ASP A 126 21.16 53.22 -0.18
C ASP A 126 20.52 53.64 1.13
N ALA A 127 19.60 54.59 1.05
CA ALA A 127 18.96 55.06 2.26
C ALA A 127 18.09 53.96 2.85
N ILE A 128 17.45 53.13 2.00
CA ILE A 128 16.77 51.95 2.50
C ILE A 128 17.72 51.09 3.33
N LEU A 129 18.96 50.89 2.83
CA LEU A 129 19.90 50.05 3.53
C LEU A 129 20.48 50.80 4.74
N ASN A 130 21.01 52.00 4.47
CA ASN A 130 21.75 52.78 5.45
C ASN A 130 20.92 54.02 5.82
N PHE A 134 14.05 56.01 7.13
CA PHE A 134 13.70 56.21 5.70
C PHE A 134 13.14 54.91 5.12
N ALA A 135 13.68 53.79 5.61
CA ALA A 135 13.27 52.45 5.21
C ALA A 135 11.86 52.14 5.70
N GLU A 136 11.55 52.51 6.96
CA GLU A 136 10.22 52.33 7.54
C GLU A 136 9.18 53.12 6.75
N LYS A 137 9.60 54.30 6.24
CA LYS A 137 8.76 55.19 5.45
C LYS A 137 8.55 54.64 4.03
N TYR A 138 9.64 54.51 3.26
CA TYR A 138 9.54 54.30 1.83
C TYR A 138 9.82 52.85 1.45
N GLY A 139 9.97 51.95 2.43
CA GLY A 139 10.36 50.58 2.15
C GLY A 139 9.34 49.49 2.48
N GLU A 140 8.09 49.86 2.85
CA GLU A 140 7.10 48.84 3.22
C GLU A 140 6.31 48.39 2.00
N LEU A 141 5.97 47.09 1.92
CA LEU A 141 5.22 46.52 0.80
C LEU A 141 4.00 45.77 1.31
N GLY A 142 2.81 46.38 1.19
CA GLY A 142 1.63 45.92 1.93
C GLY A 142 0.73 44.94 1.17
N ASN A 143 0.11 44.01 1.93
CA ASN A 143 -0.77 42.97 1.42
C ASN A 143 0.00 42.05 0.44
N ILE A 144 0.79 41.12 1.01
CA ILE A 144 1.65 40.19 0.28
C ILE A 144 1.77 38.97 1.19
N TYR A 145 2.50 37.94 0.75
CA TYR A 145 2.37 36.63 1.40
C TYR A 145 2.64 36.70 2.91
N GLY A 146 3.73 37.39 3.31
CA GLY A 146 4.11 37.28 4.74
C GLY A 146 2.97 37.72 5.63
N ALA A 147 2.33 38.86 5.27
CA ALA A 147 1.23 39.39 6.08
C ALA A 147 0.01 38.44 6.06
N GLN A 148 -0.36 37.87 4.91
CA GLN A 148 -1.52 36.99 4.98
C GLN A 148 -1.19 35.70 5.75
N TRP A 149 0.03 35.15 5.60
CA TRP A 149 0.38 33.94 6.27
C TRP A 149 0.45 34.18 7.79
N ARG A 150 1.01 35.32 8.23
CA ARG A 150 1.27 35.45 9.69
C ARG A 150 0.57 36.65 10.36
N HIS A 151 -0.38 37.30 9.70
CA HIS A 151 -1.05 38.47 10.32
C HIS A 151 -2.38 38.77 9.62
N TRP A 152 -3.29 37.79 9.55
CA TRP A 152 -4.56 38.00 8.83
C TRP A 152 -5.57 38.78 9.70
N GLU A 153 -5.95 39.99 9.21
CA GLU A 153 -6.74 40.90 10.05
C GLU A 153 -8.19 40.44 10.21
N THR A 154 -8.76 40.62 11.42
CA THR A 154 -10.17 40.26 11.72
C THR A 154 -10.98 41.53 11.88
N LYS A 155 -12.32 41.36 11.97
CA LYS A 155 -13.26 42.48 11.99
CA LYS A 155 -13.20 42.53 11.95
C LYS A 155 -13.05 43.37 13.23
N ASP A 156 -12.77 42.75 14.38
CA ASP A 156 -12.52 43.48 15.66
C ASP A 156 -11.13 44.16 15.72
N GLY A 157 -10.29 44.08 14.69
CA GLY A 157 -8.97 44.69 14.78
C GLY A 157 -7.84 43.78 15.33
N SER A 158 -8.10 42.50 15.63
CA SER A 158 -6.99 41.60 15.96
C SER A 158 -6.63 40.75 14.73
N PHE A 159 -5.77 39.73 14.90
CA PHE A 159 -5.02 39.19 13.75
CA PHE A 159 -5.21 39.12 13.70
C PHE A 159 -4.92 37.67 14.00
N ILE A 160 -5.03 36.88 12.93
CA ILE A 160 -4.78 35.44 13.06
C ILE A 160 -3.36 35.16 12.47
N ASP A 161 -2.57 34.33 13.17
CA ASP A 161 -1.27 33.85 12.64
C ASP A 161 -1.47 32.43 12.07
N GLN A 162 -1.88 32.33 10.82
CA GLN A 162 -2.26 31.04 10.25
C GLN A 162 -1.06 30.09 10.31
N LEU A 163 0.13 30.56 9.94
CA LEU A 163 1.26 29.62 9.83
C LEU A 163 1.71 29.14 11.21
N ALA A 164 1.73 30.03 12.22
CA ALA A 164 2.10 29.54 13.55
C ALA A 164 1.07 28.52 14.00
N ASN A 165 -0.20 28.84 13.79
CA ASN A 165 -1.23 27.90 14.23
C ASN A 165 -1.13 26.51 13.59
N VAL A 166 -0.85 26.47 12.25
CA VAL A 166 -0.77 25.19 11.53
CA VAL A 166 -0.76 25.22 11.52
C VAL A 166 0.44 24.41 12.01
N ILE A 167 1.57 25.08 12.33
CA ILE A 167 2.72 24.34 12.89
C ILE A 167 2.33 23.65 14.21
N GLU A 168 1.64 24.38 15.10
CA GLU A 168 1.23 23.80 16.39
C GLU A 168 0.21 22.64 16.21
N MET A 169 -0.67 22.74 15.19
CA MET A 169 -1.61 21.67 14.91
CA MET A 169 -1.60 21.63 14.99
C MET A 169 -0.86 20.45 14.37
N ILE A 170 0.19 20.67 13.59
CA ILE A 170 0.95 19.49 13.10
C ILE A 170 1.51 18.73 14.29
N LYS A 171 2.01 19.47 15.27
CA LYS A 171 2.67 18.81 16.41
C LYS A 171 1.70 18.06 17.32
N THR A 172 0.49 18.59 17.56
CA THR A 172 -0.47 18.11 18.60
C THR A 172 -1.54 17.25 17.95
N ASN A 173 -1.78 17.47 16.65
CA ASN A 173 -2.98 16.85 16.05
C ASN A 173 -2.64 16.56 14.59
N PRO A 174 -1.68 15.61 14.34
CA PRO A 174 -1.17 15.40 12.98
C PRO A 174 -2.16 14.74 12.04
N ASP A 175 -3.20 14.10 12.60
CA ASP A 175 -4.14 13.52 11.65
C ASP A 175 -5.19 14.55 11.19
N SER A 176 -5.13 15.76 11.60
CA SER A 176 -6.07 16.85 11.20
C SER A 176 -6.21 17.02 9.68
N ARG A 177 -7.43 17.02 9.15
CA ARG A 177 -7.70 17.37 7.75
C ARG A 177 -7.90 18.89 7.52
N ARG A 178 -7.53 19.73 8.51
CA ARG A 178 -7.83 21.16 8.42
C ARG A 178 -6.50 21.98 8.48
N LEU A 179 -5.38 21.38 8.03
CA LEU A 179 -4.06 22.03 8.12
C LEU A 179 -3.84 23.00 6.96
N ILE A 180 -4.62 24.11 6.90
CA ILE A 180 -4.80 24.95 5.69
C ILE A 180 -4.24 26.37 6.00
N VAL A 181 -3.53 26.97 5.02
CA VAL A 181 -3.11 28.40 5.01
C VAL A 181 -3.68 29.01 3.76
N SER A 182 -4.58 30.04 3.94
CA SER A 182 -5.14 30.70 2.77
CA SER A 182 -5.22 30.76 2.84
C SER A 182 -4.49 32.09 2.53
N ALA A 183 -4.27 32.40 1.22
CA ALA A 183 -3.78 33.76 0.90
C ALA A 183 -4.87 34.61 0.26
N TRP A 184 -6.13 34.11 0.21
CA TRP A 184 -7.20 34.66 -0.64
C TRP A 184 -8.30 35.34 0.19
N ASN A 185 -8.30 36.74 0.20
CA ASN A 185 -9.34 37.43 0.96
C ASN A 185 -10.17 38.22 -0.06
N PRO A 186 -11.45 37.91 -0.42
CA PRO A 186 -12.16 38.70 -1.44
C PRO A 186 -12.38 40.19 -1.16
N GLU A 187 -12.18 40.62 0.10
CA GLU A 187 -12.28 42.02 0.51
C GLU A 187 -11.07 42.78 -0.07
N ASP A 188 -9.93 42.06 -0.18
CA ASP A 188 -8.68 42.74 -0.51
C ASP A 188 -8.33 42.63 -1.99
N VAL A 189 -8.73 41.49 -2.61
CA VAL A 189 -8.26 41.16 -3.93
C VAL A 189 -8.49 42.28 -4.97
N PRO A 190 -9.70 42.88 -5.06
CA PRO A 190 -10.02 43.80 -6.17
C PRO A 190 -9.12 45.04 -6.25
N SER A 191 -8.48 45.38 -5.14
CA SER A 191 -7.67 46.57 -5.13
C SER A 191 -6.17 46.27 -5.22
N MET A 192 -5.77 44.99 -5.41
CA MET A 192 -4.32 44.81 -5.44
C MET A 192 -3.88 44.56 -6.89
N ALA A 193 -2.63 44.86 -7.25
CA ALA A 193 -2.26 44.82 -8.68
C ALA A 193 -2.06 43.39 -9.18
N LEU A 194 -1.47 42.55 -8.31
CA LEU A 194 -1.51 41.11 -8.53
C LEU A 194 -2.10 40.43 -7.29
N PRO A 195 -3.36 40.00 -7.38
CA PRO A 195 -3.92 39.07 -6.40
C PRO A 195 -3.00 37.82 -6.34
N PRO A 196 -2.90 37.15 -5.18
CA PRO A 196 -2.00 36.00 -5.04
C PRO A 196 -2.26 34.94 -6.14
N HIS A 198 -0.60 32.03 -5.56
CA HIS A 198 -0.56 30.83 -4.71
C HIS A 198 -1.69 30.97 -3.68
N THR A 199 -2.89 30.46 -4.05
CA THR A 199 -4.10 30.89 -3.37
C THR A 199 -4.25 30.21 -2.01
N MET A 200 -3.77 28.98 -1.86
CA MET A 200 -3.90 28.28 -0.56
C MET A 200 -3.15 26.94 -0.62
N PHE A 201 -2.70 26.46 0.55
CA PHE A 201 -1.97 25.18 0.62
C PHE A 201 -2.34 24.43 1.88
N GLN A 202 -2.04 23.10 1.81
CA GLN A 202 -2.61 22.23 2.87
C GLN A 202 -1.54 21.26 3.22
N PHE A 203 -1.35 20.97 4.49
CA PHE A 203 -0.40 19.89 4.88
C PHE A 203 -1.10 18.58 5.29
N TYR A 204 -0.30 17.48 5.35
CA TYR A 204 -0.84 16.15 5.63
C TYR A 204 0.29 15.35 6.27
N VAL A 205 -0.03 14.51 7.28
CA VAL A 205 0.99 13.70 8.02
C VAL A 205 0.62 12.22 8.05
N ASN A 206 1.53 11.38 7.64
CA ASN A 206 1.34 9.93 7.76
C ASN A 206 2.69 9.24 7.85
N GLU A 207 2.69 8.20 8.72
CA GLU A 207 3.82 7.33 9.02
C GLU A 207 5.04 8.23 9.25
N GLY A 208 4.86 9.37 9.97
CA GLY A 208 5.98 10.23 10.40
C GLY A 208 6.58 11.07 9.27
N LYS A 209 5.80 11.26 8.15
CA LYS A 209 6.24 12.07 7.02
C LYS A 209 5.26 13.23 6.75
N LEU A 210 5.83 14.39 6.40
CA LEU A 210 5.01 15.58 6.14
C LEU A 210 4.88 15.79 4.62
N SER A 211 3.66 15.93 4.12
CA SER A 211 3.41 16.31 2.72
C SER A 211 2.70 17.66 2.64
N CYS A 212 2.77 18.34 1.49
CA CYS A 212 2.17 19.68 1.27
C CYS A 212 1.52 19.72 -0.13
N GLN A 213 0.23 20.19 -0.27
CA GLN A 213 -0.29 20.39 -1.60
C GLN A 213 -0.56 21.89 -1.76
N LEU A 214 -0.18 22.51 -2.93
CA LEU A 214 -0.47 23.92 -3.25
C LEU A 214 -1.51 23.95 -4.36
N TYR A 215 -2.51 24.90 -4.22
CA TYR A 215 -3.46 25.21 -5.30
C TYR A 215 -2.91 26.52 -5.89
N GLN A 216 -2.50 26.53 -7.18
CA GLN A 216 -1.96 27.75 -7.84
C GLN A 216 -2.90 28.14 -8.99
N ARG A 217 -3.64 29.27 -8.83
CA ARG A 217 -4.69 29.63 -9.79
C ARG A 217 -4.12 29.93 -11.20
N SER A 218 -2.83 30.34 -11.25
CA SER A 218 -2.34 30.90 -12.54
C SER A 218 -0.83 30.65 -12.58
N ALA A 219 -0.40 29.92 -13.62
CA ALA A 219 0.97 29.41 -13.63
C ALA A 219 1.63 29.74 -14.97
N ASP A 220 2.72 30.53 -14.92
CA ASP A 220 3.53 30.70 -16.15
C ASP A 220 4.54 29.55 -16.14
N VAL A 221 4.37 28.61 -17.07
CA VAL A 221 4.96 27.32 -16.93
C VAL A 221 6.49 27.40 -17.20
N PHE A 222 6.97 28.20 -18.18
CA PHE A 222 8.43 28.35 -18.41
C PHE A 222 9.17 29.09 -17.27
N LEU A 223 8.72 30.29 -16.93
CA LEU A 223 9.45 31.17 -15.99
C LEU A 223 9.00 30.99 -14.57
N GLY A 224 7.68 30.90 -14.30
CA GLY A 224 7.34 30.92 -12.87
C GLY A 224 7.35 29.51 -12.21
N VAL A 225 6.78 28.48 -12.86
CA VAL A 225 6.63 27.15 -12.26
C VAL A 225 7.95 26.59 -11.69
N PRO A 226 9.13 26.71 -12.34
CA PRO A 226 10.34 26.13 -11.69
C PRO A 226 10.72 26.76 -10.36
N PHE A 227 10.54 28.10 -10.29
CA PHE A 227 10.77 28.86 -9.05
C PHE A 227 9.74 28.39 -7.99
N ASN A 228 8.46 28.29 -8.40
CA ASN A 228 7.37 27.93 -7.48
C ASN A 228 7.54 26.56 -6.85
N ILE A 229 7.87 25.51 -7.63
CA ILE A 229 8.21 24.16 -7.16
C ILE A 229 9.25 24.22 -6.05
N ALA A 230 10.41 24.77 -6.34
CA ALA A 230 11.45 24.90 -5.34
C ALA A 230 11.01 25.62 -4.07
N SER A 231 10.31 26.79 -4.20
CA SER A 231 9.85 27.52 -3.00
CA SER A 231 9.85 27.52 -3.00
C SER A 231 9.05 26.59 -2.08
N TYR A 232 8.03 25.94 -2.64
CA TYR A 232 7.12 25.20 -1.78
C TYR A 232 7.72 23.86 -1.35
N ALA A 233 8.64 23.27 -2.13
CA ALA A 233 9.39 22.12 -1.56
C ALA A 233 10.29 22.58 -0.41
N LEU A 234 10.92 23.76 -0.52
CA LEU A 234 11.70 24.23 0.62
CA LEU A 234 11.71 24.27 0.60
C LEU A 234 10.83 24.49 1.84
N LEU A 235 9.63 25.07 1.65
CA LEU A 235 8.77 25.28 2.80
C LEU A 235 8.38 23.94 3.44
N THR A 236 8.13 22.89 2.63
CA THR A 236 7.79 21.56 3.21
C THR A 236 8.95 21.00 4.05
N HIS A 237 10.20 21.21 3.61
CA HIS A 237 11.34 20.76 4.41
C HIS A 237 11.54 21.59 5.69
N LEU A 238 11.38 22.94 5.65
CA LEU A 238 11.53 23.79 6.86
C LEU A 238 10.47 23.42 7.90
N ILE A 239 9.21 23.23 7.44
CA ILE A 239 8.16 22.82 8.41
C ILE A 239 8.44 21.43 9.00
N ALA A 240 8.88 20.44 8.19
CA ALA A 240 9.21 19.08 8.68
C ALA A 240 10.33 19.17 9.70
N HIS A 241 11.36 20.02 9.39
CA HIS A 241 12.45 20.25 10.36
C HIS A 241 11.92 20.75 11.74
N GLU A 242 11.07 21.81 11.73
CA GLU A 242 10.53 22.45 12.96
CA GLU A 242 10.51 22.43 12.95
C GLU A 242 9.66 21.44 13.75
N THR A 243 9.01 20.47 13.09
CA THR A 243 8.03 19.57 13.72
C THR A 243 8.59 18.15 14.02
N GLY A 244 9.87 17.98 13.72
CA GLY A 244 10.55 16.73 13.99
C GLY A 244 10.10 15.61 13.01
N LEU A 245 9.62 15.94 11.79
CA LEU A 245 9.12 14.93 10.85
C LEU A 245 10.12 14.72 9.70
N GLU A 246 10.00 13.54 9.00
CA GLU A 246 10.67 13.32 7.71
C GLU A 246 9.88 13.95 6.54
N VAL A 247 10.45 14.02 5.33
CA VAL A 247 9.67 14.64 4.23
C VAL A 247 8.90 13.57 3.43
N GLY A 248 7.60 13.83 3.06
CA GLY A 248 6.83 12.97 2.13
C GLY A 248 6.87 13.55 0.70
N GLU A 249 5.73 14.03 0.23
CA GLU A 249 5.65 14.57 -1.15
C GLU A 249 5.21 16.05 -1.21
N PHE A 250 5.68 16.77 -2.23
CA PHE A 250 5.05 18.05 -2.63
C PHE A 250 4.14 17.79 -3.84
N VAL A 251 2.82 18.11 -3.70
CA VAL A 251 1.82 17.92 -4.76
C VAL A 251 1.44 19.32 -5.26
N HIS A 252 1.59 19.55 -6.58
CA HIS A 252 1.43 20.90 -7.13
C HIS A 252 0.22 20.89 -8.03
N THR A 253 -0.86 21.64 -7.64
CA THR A 253 -2.09 21.64 -8.43
C THR A 253 -2.16 22.98 -9.15
N LEU A 254 -2.48 22.99 -10.48
CA LEU A 254 -2.53 24.22 -11.33
C LEU A 254 -3.98 24.43 -11.81
N GLY A 255 -4.40 25.70 -11.86
CA GLY A 255 -5.61 26.18 -12.51
C GLY A 255 -5.31 26.48 -13.97
N ASP A 256 -5.11 27.78 -14.35
CA ASP A 256 -4.74 28.13 -15.73
CA ASP A 256 -4.73 28.16 -15.70
C ASP A 256 -3.21 28.02 -15.85
N ALA A 257 -2.78 26.94 -16.51
CA ALA A 257 -1.36 26.66 -16.74
C ALA A 257 -0.99 27.07 -18.17
N HIS A 258 -0.10 28.04 -18.33
CA HIS A 258 0.05 28.63 -19.66
C HIS A 258 1.55 28.79 -20.02
N LEU A 259 1.84 28.59 -21.32
CA LEU A 259 3.13 28.98 -21.91
CA LEU A 259 3.12 28.97 -21.92
C LEU A 259 2.90 30.24 -22.72
N TYR A 260 3.63 31.33 -22.38
CA TYR A 260 3.60 32.56 -23.21
C TYR A 260 4.17 32.24 -24.60
N GLN A 261 3.63 32.92 -25.62
CA GLN A 261 3.91 32.50 -26.99
CA GLN A 261 3.90 32.54 -27.01
C GLN A 261 5.37 32.81 -27.36
N ASN A 262 5.96 33.74 -26.64
CA ASN A 262 7.35 34.16 -26.78
C ASN A 262 8.29 33.39 -25.83
N HIS A 263 7.81 32.26 -25.24
CA HIS A 263 8.66 31.31 -24.53
C HIS A 263 8.72 29.93 -25.25
N VAL A 264 8.17 29.79 -26.45
CA VAL A 264 8.04 28.49 -27.11
C VAL A 264 9.42 27.92 -27.51
N GLU A 265 10.27 28.78 -28.10
CA GLU A 265 11.57 28.29 -28.50
C GLU A 265 12.43 27.89 -27.29
N GLN A 266 12.29 28.63 -26.18
CA GLN A 266 12.96 28.30 -24.92
C GLN A 266 12.48 26.98 -24.36
N MET A 267 11.15 26.71 -24.41
CA MET A 267 10.66 25.44 -23.88
C MET A 267 11.23 24.33 -24.76
N GLN A 268 11.20 24.55 -26.11
CA GLN A 268 11.72 23.53 -27.04
C GLN A 268 13.20 23.22 -26.80
N GLU A 269 13.97 24.21 -26.38
CA GLU A 269 15.41 23.97 -26.14
C GLU A 269 15.58 23.07 -24.93
N GLN A 270 14.83 23.42 -23.85
CA GLN A 270 14.86 22.69 -22.59
C GLN A 270 14.52 21.20 -22.80
N LEU A 271 13.49 20.91 -23.63
CA LEU A 271 13.01 19.54 -23.91
C LEU A 271 14.02 18.68 -24.70
N SER A 272 15.07 19.31 -25.25
CA SER A 272 16.10 18.65 -26.02
C SER A 272 17.26 18.19 -25.09
N ARG A 273 17.24 18.50 -23.79
CA ARG A 273 18.39 18.34 -22.92
C ARG A 273 18.22 17.11 -22.03
N GLU A 274 19.32 16.42 -21.69
CA GLU A 274 19.23 15.18 -20.91
C GLU A 274 18.98 15.53 -19.43
N VAL A 275 18.01 14.87 -18.73
CA VAL A 275 17.72 15.10 -17.31
C VAL A 275 18.90 14.62 -16.46
N ARG A 276 19.21 15.30 -15.35
CA ARG A 276 20.23 14.83 -14.42
C ARG A 276 19.60 14.57 -13.06
N SER A 277 20.29 13.87 -12.14
CA SER A 277 19.76 13.73 -10.77
C SER A 277 19.60 15.08 -10.07
N PHE A 278 18.49 15.24 -9.35
CA PHE A 278 18.28 16.41 -8.53
C PHE A 278 19.32 16.48 -7.42
N PRO A 279 19.66 17.69 -6.90
CA PRO A 279 20.64 17.81 -5.79
C PRO A 279 19.99 17.44 -4.46
N THR A 280 20.78 17.55 -3.36
CA THR A 280 20.35 17.23 -2.00
C THR A 280 20.24 18.49 -1.14
N LEU A 281 19.11 18.70 -0.46
CA LEU A 281 19.02 19.82 0.47
C LEU A 281 19.69 19.49 1.84
N VAL A 282 20.49 20.43 2.38
CA VAL A 282 21.09 20.27 3.72
C VAL A 282 20.73 21.46 4.58
N LEU A 283 20.06 21.18 5.73
CA LEU A 283 19.74 22.24 6.66
C LEU A 283 20.66 22.12 7.87
N ASN A 284 20.92 23.25 8.49
CA ASN A 284 21.78 23.37 9.67
C ASN A 284 21.16 22.57 10.82
N PRO A 285 21.76 21.45 11.27
CA PRO A 285 21.19 20.62 12.34
C PRO A 285 21.19 21.23 13.74
N ASP A 286 22.04 22.26 13.94
CA ASP A 286 22.37 22.83 15.23
C ASP A 286 21.56 24.08 15.50
N LYS A 287 20.45 24.24 14.78
CA LYS A 287 19.51 25.32 15.02
C LYS A 287 18.12 24.69 15.07
N ALA A 288 17.48 24.70 16.26
CA ALA A 288 16.16 24.11 16.49
C ALA A 288 15.04 24.73 15.66
N SER A 289 14.89 26.08 15.73
CA SER A 289 13.73 26.68 15.09
C SER A 289 14.19 27.33 13.80
N VAL A 290 13.34 27.21 12.79
CA VAL A 290 13.70 27.71 11.46
C VAL A 290 13.48 29.23 11.44
N PHE A 291 12.64 29.75 12.37
CA PHE A 291 12.45 31.18 12.58
C PHE A 291 13.74 31.90 12.94
N ASP A 292 14.80 31.14 13.31
CA ASP A 292 16.15 31.68 13.45
C ASP A 292 17.08 31.26 12.30
N PHE A 293 16.54 30.69 11.21
CA PHE A 293 17.38 30.38 10.07
C PHE A 293 17.63 31.65 9.25
N ASP A 294 18.82 31.73 8.62
CA ASP A 294 19.13 32.75 7.62
C ASP A 294 19.77 32.03 6.43
N MET A 295 20.26 32.81 5.46
CA MET A 295 20.69 32.27 4.17
C MET A 295 21.74 31.17 4.38
N GLU A 296 22.63 31.36 5.36
CA GLU A 296 23.78 30.47 5.50
C GLU A 296 23.30 29.11 6.04
N ASP A 297 22.03 29.02 6.49
CA ASP A 297 21.59 27.79 7.14
C ASP A 297 20.95 26.79 6.17
N ILE A 298 20.86 27.14 4.87
CA ILE A 298 20.12 26.34 3.90
C ILE A 298 21.04 26.17 2.67
N LYS A 299 21.34 24.94 2.28
CA LYS A 299 22.34 24.73 1.24
C LYS A 299 21.85 23.62 0.32
N VAL A 300 22.33 23.65 -0.93
CA VAL A 300 22.01 22.52 -1.82
C VAL A 300 23.34 21.94 -2.30
N GLU A 301 23.51 20.61 -2.17
CA GLU A 301 24.73 19.89 -2.57
C GLU A 301 24.50 19.02 -3.80
N GLY A 302 25.49 19.07 -4.71
CA GLY A 302 25.38 18.24 -5.90
C GLY A 302 24.53 18.89 -6.99
N TYR A 303 24.40 20.20 -7.02
CA TYR A 303 23.62 20.79 -8.09
C TYR A 303 24.51 21.01 -9.33
N ASP A 304 24.12 20.37 -10.44
CA ASP A 304 24.88 20.32 -11.69
C ASP A 304 23.95 20.61 -12.89
N PRO A 305 23.31 21.82 -13.00
CA PRO A 305 22.39 22.10 -14.11
C PRO A 305 23.05 22.44 -15.47
N HIS A 306 22.32 22.21 -16.55
CA HIS A 306 22.55 22.82 -17.85
C HIS A 306 22.42 24.32 -17.73
N PRO A 307 22.96 25.10 -18.70
CA PRO A 307 23.00 26.56 -18.57
C PRO A 307 21.64 27.26 -18.48
N THR A 308 21.66 28.50 -17.97
CA THR A 308 20.50 29.37 -17.99
C THR A 308 19.99 29.56 -19.41
N ILE A 309 18.64 29.53 -19.53
CA ILE A 309 17.93 29.91 -20.75
C ILE A 309 17.13 31.18 -20.46
N LYS A 310 17.47 32.31 -21.16
CA LYS A 310 16.77 33.59 -21.05
C LYS A 310 15.40 33.65 -21.73
N ALA A 311 14.44 34.35 -21.11
CA ALA A 311 13.17 34.72 -21.73
C ALA A 311 12.52 35.94 -21.07
N PRO A 312 11.64 36.68 -21.79
CA PRO A 312 10.91 37.83 -21.22
C PRO A 312 9.72 37.58 -20.28
N ILE A 313 9.57 38.40 -19.22
CA ILE A 313 8.40 38.41 -18.36
C ILE A 313 7.24 39.08 -19.12
N ALA A 314 6.03 38.49 -19.09
CA ALA A 314 4.86 39.11 -19.72
C ALA A 314 4.40 40.38 -18.96
N MET B 1 -15.56 10.70 -16.39
CA MET B 1 -16.11 9.34 -16.59
C MET B 1 -16.29 8.66 -15.22
N GLU B 2 -17.37 7.91 -15.04
CA GLU B 2 -17.64 7.22 -13.79
C GLU B 2 -16.48 6.30 -13.40
N GLU B 3 -15.83 5.67 -14.38
CA GLU B 3 -14.66 4.79 -14.10
C GLU B 3 -13.57 5.52 -13.28
N ALA B 4 -13.44 6.83 -13.47
CA ALA B 4 -12.48 7.68 -12.74
C ALA B 4 -12.76 7.74 -11.22
N TYR B 5 -14.07 7.82 -10.85
CA TYR B 5 -14.47 7.79 -9.43
C TYR B 5 -14.27 6.37 -8.88
N LEU B 6 -14.63 5.36 -9.65
CA LEU B 6 -14.43 3.94 -9.17
C LEU B 6 -12.94 3.60 -9.02
N ALA B 7 -12.01 4.15 -9.88
CA ALA B 7 -10.61 3.85 -9.70
C ALA B 7 -10.06 4.52 -8.40
N LEU B 8 -10.56 5.71 -8.01
CA LEU B 8 -10.15 6.28 -6.72
C LEU B 8 -10.54 5.33 -5.58
N GLY B 9 -11.78 4.87 -5.51
CA GLY B 9 -12.18 3.94 -4.42
C GLY B 9 -11.29 2.68 -4.37
N LYS B 10 -11.03 2.11 -5.57
CA LYS B 10 -10.17 0.91 -5.60
C LYS B 10 -8.75 1.24 -5.14
N LYS B 11 -8.20 2.41 -5.49
CA LYS B 11 -6.84 2.76 -5.02
C LYS B 11 -6.78 2.91 -3.48
N ILE B 12 -7.81 3.54 -2.90
CA ILE B 12 -7.88 3.60 -1.43
C ILE B 12 -7.94 2.20 -0.79
N LEU B 13 -8.81 1.33 -1.32
CA LEU B 13 -8.91 -0.01 -0.75
C LEU B 13 -7.54 -0.72 -0.79
N GLU B 14 -6.83 -0.60 -1.91
CA GLU B 14 -5.55 -1.27 -2.07
C GLU B 14 -4.37 -0.70 -1.23
N GLU B 15 -4.28 0.58 -1.14
CA GLU B 15 -2.97 1.01 -0.54
C GLU B 15 -3.10 2.25 0.35
N GLY B 16 -4.30 2.79 0.54
CA GLY B 16 -4.49 3.91 1.48
C GLY B 16 -4.30 3.44 2.91
N HIS B 17 -3.33 4.03 3.64
CA HIS B 17 -3.02 3.65 5.04
C HIS B 17 -4.08 4.08 6.06
N PHE B 18 -4.10 3.35 7.19
CA PHE B 18 -5.12 3.62 8.21
C PHE B 18 -4.79 4.90 8.93
N LYS B 19 -5.78 5.76 9.14
CA LYS B 19 -5.52 7.05 9.81
C LYS B 19 -6.65 7.32 10.81
N GLU B 20 -6.31 7.58 12.08
CA GLU B 20 -7.37 7.81 13.03
C GLU B 20 -7.95 9.14 12.54
N ASP B 21 -9.19 9.46 12.87
CA ASP B 21 -9.77 10.74 12.42
C ASP B 21 -10.61 11.42 13.52
N ARG B 22 -11.00 12.71 13.25
CA ARG B 22 -11.78 13.50 14.20
C ARG B 22 -13.06 12.78 14.70
N THR B 23 -13.78 12.04 13.80
CA THR B 23 -15.04 11.44 14.17
C THR B 23 -14.88 10.25 15.11
N GLY B 24 -13.71 9.69 15.16
CA GLY B 24 -13.57 8.47 15.95
C GLY B 24 -13.89 7.20 15.20
N THR B 25 -14.15 7.27 13.89
CA THR B 25 -14.56 6.10 13.12
C THR B 25 -13.35 5.29 12.65
N GLY B 26 -12.35 6.02 12.15
CA GLY B 26 -11.21 5.34 11.53
C GLY B 26 -11.37 5.38 9.99
N THR B 27 -10.33 5.69 9.22
CA THR B 27 -10.37 5.79 7.77
C THR B 27 -9.13 5.12 7.10
N TYR B 28 -9.28 4.83 5.81
CA TYR B 28 -8.13 4.54 4.97
C TYR B 28 -7.99 5.75 4.07
N SER B 29 -6.76 6.26 3.85
CA SER B 29 -6.62 7.65 3.35
C SER B 29 -5.44 7.76 2.37
N LEU B 30 -5.60 8.56 1.28
N LEU B 30 -5.58 8.60 1.33
CA LEU B 30 -4.49 9.04 0.45
CA LEU B 30 -4.42 9.03 0.55
C LEU B 30 -4.48 10.58 0.48
C LEU B 30 -4.52 10.55 0.30
N PHE B 31 -3.37 11.16 -0.01
CA PHE B 31 -3.25 12.61 -0.12
C PHE B 31 -2.91 13.05 -1.55
N GLY B 32 -3.83 13.87 -2.16
CA GLY B 32 -3.54 14.48 -3.47
C GLY B 32 -4.05 13.56 -4.59
N TYR B 33 -5.11 14.00 -5.25
CA TYR B 33 -5.63 13.22 -6.39
C TYR B 33 -6.42 14.19 -7.30
N GLN B 34 -6.62 13.79 -8.56
CA GLN B 34 -7.35 14.68 -9.48
C GLN B 34 -8.21 13.83 -10.47
N MET B 35 -9.52 14.09 -10.56
CA MET B 35 -10.37 13.42 -11.56
C MET B 35 -10.93 14.45 -12.52
N ARG B 36 -11.31 14.06 -13.73
CA ARG B 36 -11.95 15.04 -14.63
C ARG B 36 -13.24 14.42 -15.19
N PHE B 37 -14.31 15.25 -15.36
CA PHE B 37 -15.60 14.83 -15.95
C PHE B 37 -15.88 15.75 -17.15
N ASP B 38 -16.02 15.21 -18.39
CA ASP B 38 -16.38 16.07 -19.53
C ASP B 38 -17.92 16.20 -19.56
N LEU B 39 -18.44 17.38 -19.19
CA LEU B 39 -19.93 17.54 -18.99
C LEU B 39 -20.71 17.39 -20.32
N ALA B 40 -20.01 17.44 -21.48
CA ALA B 40 -20.67 17.12 -22.77
C ALA B 40 -20.99 15.63 -22.96
N LYS B 41 -20.43 14.72 -22.13
CA LYS B 41 -20.64 13.29 -22.28
CA LYS B 41 -20.64 13.29 -22.26
C LYS B 41 -21.82 12.81 -21.39
N GLY B 42 -22.34 13.72 -20.55
CA GLY B 42 -23.45 13.25 -19.76
C GLY B 42 -23.40 13.95 -18.40
N PHE B 43 -24.53 14.05 -17.68
CA PHE B 43 -24.54 14.66 -16.32
C PHE B 43 -23.94 13.63 -15.35
N PRO B 44 -22.90 13.95 -14.53
CA PRO B 44 -22.22 12.91 -13.73
C PRO B 44 -22.94 12.52 -12.45
N LEU B 45 -24.19 12.01 -12.53
CA LEU B 45 -24.85 11.38 -11.36
C LEU B 45 -24.57 9.84 -11.39
N LEU B 46 -23.87 9.27 -10.37
CA LEU B 46 -23.30 7.89 -10.58
C LEU B 46 -24.40 6.82 -10.86
N THR B 47 -24.10 5.85 -11.76
CA THR B 47 -25.08 4.84 -12.06
C THR B 47 -24.83 3.49 -11.32
N THR B 48 -23.66 3.29 -10.70
CA THR B 48 -23.28 2.02 -10.02
C THR B 48 -23.98 1.88 -8.65
N LYS B 49 -24.62 3.01 -8.20
CA LYS B 49 -25.56 2.98 -7.07
C LYS B 49 -26.54 4.15 -7.22
N ARG B 50 -27.77 4.07 -6.69
CA ARG B 50 -28.73 5.18 -6.81
C ARG B 50 -28.32 6.35 -5.92
N VAL B 51 -28.17 7.56 -6.53
CA VAL B 51 -27.82 8.81 -5.84
C VAL B 51 -29.06 9.68 -5.94
N PRO B 52 -29.65 10.20 -4.82
CA PRO B 52 -30.88 11.00 -4.90
C PRO B 52 -30.66 12.43 -5.37
N PHE B 53 -31.15 12.69 -6.59
CA PHE B 53 -30.91 14.02 -7.18
C PHE B 53 -31.70 15.13 -6.46
N GLY B 54 -32.88 14.82 -5.96
CA GLY B 54 -33.61 15.91 -5.31
C GLY B 54 -32.92 16.47 -4.02
N LEU B 55 -32.10 15.65 -3.35
CA LEU B 55 -31.39 16.19 -2.16
C LEU B 55 -30.18 17.03 -2.62
N ILE B 56 -29.55 16.63 -3.74
CA ILE B 56 -28.41 17.43 -4.27
C ILE B 56 -29.00 18.80 -4.70
N LYS B 57 -30.23 18.80 -5.34
CA LYS B 57 -30.85 20.04 -5.86
C LYS B 57 -31.17 20.96 -4.69
N SER B 58 -31.85 20.42 -3.67
CA SER B 58 -32.28 21.28 -2.56
C SER B 58 -31.08 21.83 -1.78
N GLU B 59 -30.05 20.98 -1.56
CA GLU B 59 -28.82 21.51 -0.90
C GLU B 59 -28.19 22.69 -1.69
N LEU B 60 -28.02 22.58 -3.03
CA LEU B 60 -27.36 23.63 -3.79
C LEU B 60 -28.28 24.87 -3.81
N LEU B 61 -29.60 24.76 -3.94
CA LEU B 61 -30.47 25.98 -3.95
CA LEU B 61 -30.44 25.98 -3.96
C LEU B 61 -30.34 26.71 -2.61
N TRP B 62 -30.14 25.96 -1.54
CA TRP B 62 -29.98 26.44 -0.16
C TRP B 62 -28.68 27.28 -0.09
N PHE B 63 -27.57 26.70 -0.58
CA PHE B 63 -26.33 27.47 -0.71
C PHE B 63 -26.53 28.78 -1.51
N LEU B 64 -27.06 28.63 -2.74
CA LEU B 64 -27.22 29.74 -3.65
C LEU B 64 -28.04 30.90 -3.05
N LYS B 65 -29.07 30.62 -2.20
CA LYS B 65 -29.85 31.69 -1.63
C LYS B 65 -29.17 32.30 -0.36
N GLY B 66 -28.01 31.79 -0.01
CA GLY B 66 -27.28 32.33 1.16
C GLY B 66 -27.71 31.84 2.55
N ASP B 67 -28.47 30.72 2.61
CA ASP B 67 -29.10 30.24 3.85
C ASP B 67 -28.22 29.21 4.59
N THR B 68 -28.09 29.41 5.95
CA THR B 68 -27.22 28.50 6.70
C THR B 68 -28.00 27.86 7.84
N ASN B 69 -29.34 27.88 7.73
CA ASN B 69 -30.20 27.26 8.74
C ASN B 69 -30.97 26.10 8.10
N ILE B 70 -31.04 24.95 8.79
CA ILE B 70 -31.58 23.73 8.13
C ILE B 70 -33.10 23.74 7.95
N ARG B 71 -33.80 24.76 8.43
CA ARG B 71 -35.30 24.72 8.27
C ARG B 71 -35.72 24.57 6.80
N TYR B 72 -35.05 25.28 5.88
CA TYR B 72 -35.34 25.21 4.43
C TYR B 72 -35.20 23.76 3.94
N LEU B 73 -34.14 23.06 4.38
CA LEU B 73 -33.89 21.71 4.00
C LEU B 73 -34.99 20.75 4.54
N LEU B 74 -35.34 20.86 5.82
CA LEU B 74 -36.39 20.00 6.41
C LEU B 74 -37.72 20.21 5.69
N GLU B 75 -38.01 21.42 5.26
CA GLU B 75 -39.28 21.71 4.51
C GLU B 75 -39.33 20.88 3.21
N ARG B 76 -38.18 20.57 2.64
CA ARG B 76 -38.06 19.78 1.43
C ARG B 76 -37.63 18.34 1.75
N ASN B 77 -37.81 17.83 2.98
CA ASN B 77 -37.52 16.43 3.38
C ASN B 77 -36.06 16.02 3.06
N ASN B 78 -35.12 17.00 3.24
CA ASN B 78 -33.68 16.80 3.08
C ASN B 78 -33.03 16.82 4.47
N HIS B 79 -32.54 15.65 4.96
CA HIS B 79 -32.03 15.59 6.35
C HIS B 79 -30.50 15.42 6.39
N ILE B 80 -29.84 15.63 5.26
CA ILE B 80 -28.37 15.39 5.21
C ILE B 80 -27.51 16.24 6.13
N TRP B 81 -28.06 17.38 6.63
CA TRP B 81 -27.23 18.25 7.50
C TRP B 81 -27.76 18.13 8.94
N ASP B 82 -28.72 17.25 9.24
CA ASP B 82 -29.35 17.24 10.58
C ASP B 82 -28.38 16.96 11.74
N GLU B 83 -27.51 16.04 11.51
CA GLU B 83 -26.61 15.58 12.61
C GLU B 83 -25.90 16.71 13.36
N TRP B 84 -25.33 17.62 12.56
CA TRP B 84 -24.43 18.60 13.20
C TRP B 84 -25.27 19.63 13.98
N ALA B 85 -26.43 20.00 13.47
CA ALA B 85 -27.37 20.82 14.26
C ALA B 85 -27.91 20.08 15.52
N PHE B 86 -28.23 18.74 15.40
CA PHE B 86 -28.69 17.99 16.57
C PHE B 86 -27.62 17.92 17.66
N GLU B 87 -26.37 17.77 17.19
CA GLU B 87 -25.26 17.68 18.16
C GLU B 87 -25.17 19.01 18.91
N ARG B 88 -25.29 20.13 18.18
CA ARG B 88 -25.26 21.47 18.82
C ARG B 88 -26.32 21.54 19.92
N TYR B 89 -27.57 21.17 19.60
CA TYR B 89 -28.67 21.19 20.57
C TYR B 89 -28.48 20.23 21.77
N VAL B 90 -28.00 18.97 21.55
CA VAL B 90 -27.86 18.08 22.72
C VAL B 90 -26.77 18.53 23.69
N LYS B 91 -25.79 19.32 23.19
CA LYS B 91 -24.73 19.87 24.01
C LYS B 91 -25.18 21.09 24.76
N SER B 92 -26.38 21.68 24.46
CA SER B 92 -26.74 23.00 25.02
C SER B 92 -27.48 22.82 26.39
N ALA B 93 -27.79 23.95 27.06
CA ALA B 93 -28.41 23.90 28.38
C ALA B 93 -29.90 23.61 28.26
N ASP B 94 -30.46 23.67 27.03
CA ASP B 94 -31.90 23.49 26.81
C ASP B 94 -32.30 22.02 26.63
N TYR B 95 -31.37 21.11 26.30
CA TYR B 95 -31.76 19.72 26.02
C TYR B 95 -32.04 18.92 27.30
N GLN B 96 -33.20 18.20 27.35
CA GLN B 96 -33.54 17.55 28.59
C GLN B 96 -33.70 16.04 28.41
N GLY B 97 -33.33 15.53 27.27
CA GLY B 97 -33.60 14.11 27.08
C GLY B 97 -32.43 13.21 27.52
N PRO B 98 -32.51 11.91 27.18
CA PRO B 98 -31.48 10.93 27.56
C PRO B 98 -30.11 11.29 26.98
N ASP B 99 -29.07 10.92 27.68
CA ASP B 99 -27.74 11.31 27.28
C ASP B 99 -27.48 10.91 25.81
N MET B 100 -26.96 11.83 25.00
CA MET B 100 -26.65 11.53 23.59
C MET B 100 -25.16 11.63 23.27
N THR B 101 -24.29 11.47 24.30
CA THR B 101 -22.85 11.44 24.02
C THR B 101 -22.49 10.36 22.99
N ASP B 102 -21.68 10.73 21.96
CA ASP B 102 -21.14 9.78 21.00
C ASP B 102 -22.28 9.05 20.29
N PHE B 103 -23.45 9.73 20.07
CA PHE B 103 -24.63 9.07 19.48
C PHE B 103 -24.34 8.45 18.08
N GLY B 104 -23.44 9.06 17.34
CA GLY B 104 -23.10 8.60 15.98
C GLY B 104 -22.46 7.21 15.99
N HIS B 105 -21.77 6.78 17.06
CA HIS B 105 -21.33 5.38 17.11
C HIS B 105 -22.31 4.45 17.84
N ARG B 106 -22.91 5.00 18.91
CA ARG B 106 -23.81 4.25 19.82
C ARG B 106 -25.03 3.67 19.09
N VAL B 107 -25.52 4.34 18.05
CA VAL B 107 -26.71 3.86 17.36
C VAL B 107 -26.43 2.57 16.57
N LEU B 108 -25.16 2.36 16.15
CA LEU B 108 -24.78 1.19 15.37
C LEU B 108 -24.60 -0.03 16.25
N GLN B 109 -24.44 0.15 17.57
CA GLN B 109 -23.98 -0.91 18.47
C GLN B 109 -25.02 -1.36 19.52
N ASP B 110 -26.14 -0.64 19.69
CA ASP B 110 -26.99 -0.70 20.88
C ASP B 110 -28.43 -0.39 20.48
N PRO B 111 -29.26 -1.42 20.15
CA PRO B 111 -30.63 -1.16 19.71
C PRO B 111 -31.48 -0.31 20.64
N ALA B 112 -31.35 -0.50 21.97
CA ALA B 112 -32.11 0.33 22.89
C ALA B 112 -31.76 1.83 22.71
N PHE B 113 -30.45 2.12 22.65
CA PHE B 113 -29.93 3.47 22.36
C PHE B 113 -30.49 3.96 21.02
N ALA B 114 -30.43 3.13 19.96
CA ALA B 114 -30.85 3.58 18.63
C ALA B 114 -32.31 4.05 18.63
N GLU B 115 -33.19 3.40 19.42
CA GLU B 115 -34.58 3.84 19.47
C GLU B 115 -34.69 5.19 20.20
N GLN B 116 -33.94 5.38 21.31
CA GLN B 116 -34.00 6.71 21.94
C GLN B 116 -33.50 7.82 20.99
N TYR B 117 -32.37 7.58 20.26
CA TYR B 117 -31.87 8.55 19.26
C TYR B 117 -32.98 8.92 18.26
N LYS B 118 -33.64 7.89 17.73
CA LYS B 118 -34.68 8.06 16.72
C LYS B 118 -35.82 8.93 17.25
N GLU B 119 -36.20 8.70 18.52
CA GLU B 119 -37.22 9.46 19.25
C GLU B 119 -36.80 10.93 19.38
N GLU B 120 -35.56 11.18 19.80
CA GLU B 120 -35.09 12.57 20.07
C GLU B 120 -34.87 13.33 18.76
N HIS B 121 -34.37 12.64 17.74
CA HIS B 121 -34.17 13.27 16.42
C HIS B 121 -35.56 13.68 15.85
N GLN B 122 -36.61 12.82 16.02
CA GLN B 122 -37.94 13.20 15.58
C GLN B 122 -38.43 14.48 16.27
N LYS B 123 -38.30 14.55 17.62
CA LYS B 123 -38.78 15.69 18.37
CA LYS B 123 -38.80 15.70 18.36
C LYS B 123 -38.05 16.96 17.92
N PHE B 124 -36.73 16.79 17.60
CA PHE B 124 -35.89 17.90 17.09
C PHE B 124 -36.41 18.43 15.74
N CYS B 125 -36.66 17.51 14.78
CA CYS B 125 -37.13 17.92 13.46
C CYS B 125 -38.49 18.62 13.58
N ASP B 126 -39.40 18.06 14.42
CA ASP B 126 -40.70 18.68 14.62
C ASP B 126 -40.55 20.08 15.21
N ALA B 127 -39.68 20.26 16.20
CA ALA B 127 -39.49 21.60 16.77
C ALA B 127 -38.90 22.64 15.79
N ILE B 128 -37.87 22.26 14.99
CA ILE B 128 -37.42 23.18 13.97
C ILE B 128 -38.56 23.63 13.02
N LEU B 129 -39.42 22.68 12.61
CA LEU B 129 -40.43 22.99 11.60
C LEU B 129 -41.60 23.78 12.24
N ASN B 130 -41.81 23.61 13.56
CA ASN B 130 -43.02 24.15 14.20
C ASN B 130 -42.79 25.30 15.21
N ASP B 131 -41.56 25.59 15.66
CA ASP B 131 -41.38 26.67 16.63
C ASP B 131 -40.31 27.62 16.08
N ALA B 132 -40.70 28.84 15.65
CA ALA B 132 -39.82 29.73 14.91
C ALA B 132 -38.59 30.09 15.74
N GLU B 133 -38.80 30.29 17.04
CA GLU B 133 -37.74 30.65 17.97
C GLU B 133 -36.73 29.51 18.12
N PHE B 134 -37.24 28.26 18.23
CA PHE B 134 -36.35 27.09 18.30
C PHE B 134 -35.52 26.96 17.02
N ALA B 135 -36.21 27.18 15.90
CA ALA B 135 -35.47 27.01 14.64
C ALA B 135 -34.34 28.05 14.51
N GLU B 136 -34.63 29.28 14.97
CA GLU B 136 -33.70 30.37 14.75
C GLU B 136 -32.43 30.11 15.52
N LYS B 137 -32.57 29.56 16.77
CA LYS B 137 -31.43 29.25 17.62
C LYS B 137 -30.79 27.91 17.22
N TYR B 138 -31.60 26.85 17.03
CA TYR B 138 -31.00 25.53 16.92
C TYR B 138 -30.99 24.96 15.49
N GLY B 139 -31.57 25.65 14.54
CA GLY B 139 -31.39 25.24 13.13
C GLY B 139 -30.06 25.74 12.49
N GLU B 140 -29.31 26.59 13.22
CA GLU B 140 -28.25 27.46 12.65
C GLU B 140 -26.92 26.74 12.68
N LEU B 141 -26.21 26.73 11.52
CA LEU B 141 -24.96 25.99 11.46
C LEU B 141 -23.75 26.93 11.41
N GLY B 142 -23.97 28.25 11.58
CA GLY B 142 -22.83 29.21 11.50
C GLY B 142 -22.58 29.63 10.03
N ASN B 143 -21.44 30.34 9.77
CA ASN B 143 -21.24 30.95 8.45
C ASN B 143 -20.61 29.93 7.48
N ILE B 144 -21.36 28.85 7.16
CA ILE B 144 -20.88 27.87 6.19
C ILE B 144 -21.18 28.40 4.76
N TYR B 145 -21.14 27.49 3.78
CA TYR B 145 -21.20 27.83 2.33
C TYR B 145 -22.13 29.00 1.96
N GLY B 146 -23.42 28.88 2.24
CA GLY B 146 -24.29 29.96 1.83
C GLY B 146 -23.84 31.35 2.27
N ALA B 147 -23.28 31.47 3.51
CA ALA B 147 -22.95 32.80 4.00
C ALA B 147 -21.67 33.30 3.29
N GLN B 148 -20.68 32.40 2.98
CA GLN B 148 -19.47 32.91 2.39
C GLN B 148 -19.65 33.18 0.89
N TRP B 149 -20.54 32.41 0.25
CA TRP B 149 -20.80 32.61 -1.20
C TRP B 149 -21.55 33.93 -1.45
N ARG B 150 -22.51 34.26 -0.58
CA ARG B 150 -23.39 35.40 -0.87
C ARG B 150 -23.09 36.60 0.03
N HIS B 151 -22.34 36.40 1.13
CA HIS B 151 -22.35 37.41 2.21
C HIS B 151 -21.06 37.33 3.04
N TRP B 152 -19.87 37.29 2.41
CA TRP B 152 -18.61 37.34 3.14
C TRP B 152 -18.48 38.70 3.84
N GLU B 153 -18.42 38.73 5.20
CA GLU B 153 -18.53 40.01 5.88
C GLU B 153 -17.24 40.80 5.82
N THR B 154 -17.33 42.13 5.63
CA THR B 154 -16.12 42.97 5.55
C THR B 154 -15.72 43.53 6.90
N LYS B 155 -14.54 44.19 6.96
CA LYS B 155 -14.12 44.73 8.25
C LYS B 155 -14.75 46.10 8.45
N ASP B 156 -15.51 46.61 7.48
CA ASP B 156 -16.04 47.95 7.61
C ASP B 156 -17.57 48.00 7.54
N GLY B 157 -18.29 46.95 7.93
CA GLY B 157 -19.71 47.06 8.15
C GLY B 157 -20.53 46.66 6.93
N SER B 158 -19.95 45.91 5.98
CA SER B 158 -20.73 45.53 4.76
C SER B 158 -20.45 44.03 4.45
N PHE B 159 -20.65 43.57 3.20
CA PHE B 159 -20.46 42.13 2.88
C PHE B 159 -20.19 42.04 1.37
N ILE B 160 -19.47 40.99 0.91
CA ILE B 160 -19.19 40.80 -0.49
CA ILE B 160 -19.15 40.81 -0.49
C ILE B 160 -20.01 39.68 -1.03
N ASP B 161 -20.65 39.91 -2.18
CA ASP B 161 -21.47 38.85 -2.83
C ASP B 161 -20.56 38.06 -3.78
N GLN B 162 -19.80 37.11 -3.22
CA GLN B 162 -18.64 36.62 -4.01
C GLN B 162 -19.14 35.88 -5.24
N LEU B 163 -20.15 35.02 -5.07
CA LEU B 163 -20.62 34.25 -6.21
C LEU B 163 -21.29 35.12 -7.30
N ALA B 164 -22.08 36.12 -6.92
CA ALA B 164 -22.67 36.92 -8.02
C ALA B 164 -21.59 37.69 -8.78
N ASN B 165 -20.59 38.20 -8.04
CA ASN B 165 -19.42 38.89 -8.66
C ASN B 165 -18.68 38.03 -9.70
N VAL B 166 -18.47 36.72 -9.41
CA VAL B 166 -17.68 35.88 -10.33
CA VAL B 166 -17.72 35.83 -10.30
C VAL B 166 -18.53 35.56 -11.57
N ILE B 167 -19.86 35.35 -11.41
CA ILE B 167 -20.71 35.18 -12.59
C ILE B 167 -20.63 36.43 -13.51
N GLU B 168 -20.72 37.61 -12.92
CA GLU B 168 -20.58 38.83 -13.71
C GLU B 168 -19.25 38.93 -14.48
N MET B 169 -18.17 38.56 -13.79
CA MET B 169 -16.81 38.59 -14.33
CA MET B 169 -16.83 38.63 -14.36
C MET B 169 -16.68 37.66 -15.54
N ILE B 170 -17.31 36.46 -15.48
CA ILE B 170 -17.34 35.54 -16.61
C ILE B 170 -17.90 36.25 -17.86
N LYS B 171 -18.90 37.08 -17.66
CA LYS B 171 -19.61 37.73 -18.79
C LYS B 171 -18.70 38.72 -19.49
N THR B 172 -17.94 39.54 -18.74
CA THR B 172 -17.28 40.69 -19.36
C THR B 172 -15.76 40.53 -19.40
N ASN B 173 -15.21 39.54 -18.64
CA ASN B 173 -13.76 39.29 -18.65
CA ASN B 173 -13.78 39.29 -18.63
C ASN B 173 -13.50 37.79 -18.64
N PRO B 174 -13.98 37.05 -19.68
CA PRO B 174 -13.91 35.58 -19.62
C PRO B 174 -12.51 34.97 -19.60
N ASP B 175 -11.47 35.74 -20.05
CA ASP B 175 -10.13 35.17 -19.96
C ASP B 175 -9.44 35.43 -18.61
N SER B 176 -10.16 36.11 -17.71
CA SER B 176 -9.61 36.43 -16.36
C SER B 176 -9.16 35.14 -15.66
N ARG B 177 -7.97 35.16 -15.06
CA ARG B 177 -7.43 33.97 -14.35
C ARG B 177 -7.66 34.12 -12.84
N ARG B 178 -8.66 34.93 -12.46
CA ARG B 178 -8.98 35.16 -11.03
C ARG B 178 -10.48 34.95 -10.81
N LEU B 179 -11.07 34.00 -11.53
CA LEU B 179 -12.52 33.71 -11.40
C LEU B 179 -12.70 32.73 -10.24
N ILE B 180 -12.51 33.21 -8.99
CA ILE B 180 -12.44 32.31 -7.85
CA ILE B 180 -12.38 32.35 -7.80
C ILE B 180 -13.49 32.68 -6.80
N VAL B 181 -14.02 31.62 -6.10
CA VAL B 181 -14.84 31.76 -4.91
C VAL B 181 -14.19 30.89 -3.82
N SER B 182 -13.99 31.51 -2.60
CA SER B 182 -13.49 30.68 -1.50
C SER B 182 -14.49 30.63 -0.35
N ALA B 183 -14.64 29.46 0.27
CA ALA B 183 -15.46 29.45 1.47
C ALA B 183 -14.56 29.43 2.70
N TRP B 184 -13.24 29.39 2.47
CA TRP B 184 -12.32 29.39 3.63
C TRP B 184 -12.13 30.80 4.22
N ASN B 185 -12.90 31.09 5.31
CA ASN B 185 -12.84 32.42 5.97
C ASN B 185 -12.25 32.22 7.38
N PRO B 186 -10.95 32.51 7.58
CA PRO B 186 -10.29 32.17 8.84
C PRO B 186 -10.98 32.72 10.09
N GLU B 187 -11.54 33.87 9.93
CA GLU B 187 -12.21 34.45 11.13
C GLU B 187 -13.47 33.64 11.49
N ASP B 188 -14.13 33.06 10.52
CA ASP B 188 -15.41 32.35 10.79
C ASP B 188 -15.26 30.85 11.06
N VAL B 189 -14.12 30.27 10.67
CA VAL B 189 -13.95 28.81 10.76
C VAL B 189 -14.32 28.27 12.16
N PRO B 190 -13.77 28.82 13.28
CA PRO B 190 -14.05 28.22 14.58
C PRO B 190 -15.53 28.10 15.02
N SER B 191 -16.41 28.95 14.43
CA SER B 191 -17.83 29.00 14.78
C SER B 191 -18.69 28.28 13.75
N MET B 192 -18.08 27.71 12.70
CA MET B 192 -18.89 26.96 11.69
C MET B 192 -19.13 25.57 12.29
N ALA B 193 -20.23 24.90 11.99
CA ALA B 193 -20.49 23.54 12.51
C ALA B 193 -19.33 22.63 12.07
N LEU B 194 -18.94 22.74 10.77
CA LEU B 194 -17.73 22.11 10.20
C LEU B 194 -17.13 23.15 9.25
N PRO B 195 -15.78 23.20 9.17
CA PRO B 195 -15.09 24.06 8.16
C PRO B 195 -15.35 23.45 6.79
N PRO B 196 -15.32 24.26 5.70
CA PRO B 196 -15.81 23.75 4.41
C PRO B 196 -14.94 22.57 3.91
N HIS B 198 -15.53 21.02 0.78
CA HIS B 198 -15.32 21.53 -0.58
C HIS B 198 -14.94 23.01 -0.47
N THR B 199 -13.66 23.31 -0.73
CA THR B 199 -13.04 24.46 0.00
C THR B 199 -13.01 25.73 -0.84
N MET B 200 -12.55 25.62 -2.09
CA MET B 200 -12.46 26.81 -2.97
C MET B 200 -12.56 26.35 -4.41
N PHE B 201 -13.12 27.19 -5.29
CA PHE B 201 -13.24 26.75 -6.68
C PHE B 201 -13.04 27.89 -7.67
N GLN B 202 -12.70 27.51 -8.94
CA GLN B 202 -12.16 28.49 -9.95
C GLN B 202 -12.85 28.14 -11.28
N PHE B 203 -13.28 29.17 -12.06
CA PHE B 203 -13.74 28.95 -13.44
C PHE B 203 -12.74 29.31 -14.53
N TYR B 204 -13.01 28.83 -15.72
CA TYR B 204 -12.06 28.97 -16.86
C TYR B 204 -12.87 28.95 -18.16
N VAL B 205 -12.62 29.92 -19.14
CA VAL B 205 -13.39 29.91 -20.38
C VAL B 205 -12.47 29.76 -21.59
N ASN B 206 -12.79 28.85 -22.49
CA ASN B 206 -12.17 28.93 -23.79
C ASN B 206 -13.10 28.38 -24.87
N GLU B 207 -12.97 28.97 -26.07
CA GLU B 207 -13.77 28.54 -27.23
C GLU B 207 -15.25 28.30 -26.86
N GLY B 208 -15.82 29.23 -26.10
CA GLY B 208 -17.25 29.26 -25.84
C GLY B 208 -17.68 28.24 -24.79
N LYS B 209 -16.72 27.59 -24.08
CA LYS B 209 -17.07 26.55 -23.08
C LYS B 209 -16.70 26.98 -21.67
N LEU B 210 -17.57 26.70 -20.65
CA LEU B 210 -17.14 27.02 -19.28
C LEU B 210 -16.67 25.74 -18.53
N SER B 211 -15.49 25.79 -17.86
CA SER B 211 -14.97 24.70 -17.01
C SER B 211 -14.83 25.19 -15.58
N CYS B 212 -14.84 24.25 -14.59
CA CYS B 212 -14.76 24.61 -13.17
C CYS B 212 -13.79 23.62 -12.51
N GLN B 213 -12.83 24.13 -11.66
CA GLN B 213 -12.04 23.21 -10.83
C GLN B 213 -12.39 23.47 -9.36
N LEU B 214 -12.60 22.38 -8.59
CA LEU B 214 -12.80 22.49 -7.15
C LEU B 214 -11.55 21.96 -6.41
N TYR B 215 -11.14 22.63 -5.26
CA TYR B 215 -10.13 22.13 -4.35
C TYR B 215 -10.86 21.69 -3.10
N GLN B 216 -10.90 20.37 -2.90
CA GLN B 216 -11.65 19.74 -1.76
C GLN B 216 -10.71 19.21 -0.68
N ARG B 217 -10.58 19.92 0.44
CA ARG B 217 -9.54 19.55 1.43
C ARG B 217 -9.80 18.19 2.08
N SER B 218 -11.03 17.73 2.06
CA SER B 218 -11.37 16.55 2.87
C SER B 218 -12.55 15.89 2.14
N ALA B 219 -12.32 14.64 1.68
CA ALA B 219 -13.37 14.04 0.82
C ALA B 219 -13.78 12.68 1.37
N ASP B 220 -15.07 12.52 1.71
CA ASP B 220 -15.54 11.24 2.22
C ASP B 220 -15.95 10.52 0.94
N VAL B 221 -15.21 9.50 0.56
CA VAL B 221 -15.32 9.02 -0.81
C VAL B 221 -16.62 8.29 -1.09
N PHE B 222 -17.03 7.34 -0.21
CA PHE B 222 -18.29 6.62 -0.48
C PHE B 222 -19.56 7.47 -0.40
N LEU B 223 -19.79 8.22 0.71
CA LEU B 223 -21.06 8.94 0.92
C LEU B 223 -21.01 10.36 0.32
N GLY B 224 -19.93 11.13 0.57
CA GLY B 224 -19.99 12.55 0.21
C GLY B 224 -19.55 12.86 -1.25
N VAL B 225 -18.51 12.16 -1.77
CA VAL B 225 -17.96 12.62 -3.07
C VAL B 225 -19.05 12.48 -4.18
N PRO B 226 -19.94 11.44 -4.19
CA PRO B 226 -20.89 11.35 -5.27
C PRO B 226 -21.83 12.54 -5.22
N PHE B 227 -22.20 13.04 -4.01
CA PHE B 227 -22.98 14.30 -3.91
C PHE B 227 -22.20 15.50 -4.36
N ASN B 228 -20.94 15.63 -3.91
CA ASN B 228 -20.11 16.75 -4.32
C ASN B 228 -20.02 16.92 -5.84
N ILE B 229 -19.68 15.80 -6.50
CA ILE B 229 -19.48 15.80 -7.96
C ILE B 229 -20.73 16.38 -8.62
N ALA B 230 -21.89 15.84 -8.25
CA ALA B 230 -23.11 16.21 -8.93
C ALA B 230 -23.51 17.65 -8.61
N SER B 231 -23.20 18.10 -7.41
CA SER B 231 -23.53 19.48 -7.02
CA SER B 231 -23.50 19.49 -6.97
C SER B 231 -22.71 20.50 -7.81
N TYR B 232 -21.40 20.29 -7.97
CA TYR B 232 -20.53 21.27 -8.73
C TYR B 232 -20.83 21.18 -10.22
N ALA B 233 -21.08 19.96 -10.67
CA ALA B 233 -21.51 19.86 -12.08
C ALA B 233 -22.86 20.64 -12.33
N LEU B 234 -23.90 20.49 -11.46
CA LEU B 234 -25.14 21.32 -11.58
C LEU B 234 -24.80 22.84 -11.53
N LEU B 235 -23.93 23.28 -10.57
CA LEU B 235 -23.56 24.70 -10.46
C LEU B 235 -22.94 25.23 -11.76
N THR B 236 -22.08 24.41 -12.39
CA THR B 236 -21.43 24.77 -13.66
C THR B 236 -22.47 24.92 -14.81
N HIS B 237 -23.46 23.99 -14.92
CA HIS B 237 -24.57 24.10 -15.88
C HIS B 237 -25.41 25.35 -15.62
N LEU B 238 -25.77 25.67 -14.35
CA LEU B 238 -26.63 26.86 -14.14
C LEU B 238 -25.86 28.13 -14.58
N ILE B 239 -24.56 28.20 -14.23
CA ILE B 239 -23.77 29.38 -14.62
C ILE B 239 -23.62 29.51 -16.14
N ALA B 240 -23.28 28.41 -16.81
CA ALA B 240 -23.22 28.39 -18.27
C ALA B 240 -24.57 28.87 -18.88
N HIS B 241 -25.70 28.39 -18.32
CA HIS B 241 -27.01 28.85 -18.80
C HIS B 241 -27.14 30.38 -18.73
N GLU B 242 -26.86 30.96 -17.54
CA GLU B 242 -27.04 32.43 -17.40
C GLU B 242 -26.05 33.22 -18.30
N THR B 243 -24.80 32.75 -18.44
CA THR B 243 -23.74 33.41 -19.23
C THR B 243 -23.73 33.11 -20.74
N GLY B 244 -24.65 32.30 -21.18
CA GLY B 244 -24.79 31.94 -22.60
C GLY B 244 -23.63 31.10 -23.16
N LEU B 245 -22.97 30.31 -22.28
CA LEU B 245 -21.84 29.49 -22.68
C LEU B 245 -22.28 28.01 -22.76
N GLU B 246 -21.44 27.20 -23.40
CA GLU B 246 -21.59 25.71 -23.37
C GLU B 246 -20.77 25.18 -22.19
N VAL B 247 -20.95 23.91 -21.84
CA VAL B 247 -20.23 23.33 -20.70
C VAL B 247 -18.96 22.62 -21.17
N GLY B 248 -17.91 22.78 -20.32
CA GLY B 248 -16.58 22.20 -20.60
C GLY B 248 -16.37 20.99 -19.66
N GLU B 249 -15.38 21.06 -18.76
CA GLU B 249 -15.10 19.94 -17.82
C GLU B 249 -15.18 20.39 -16.38
N PHE B 250 -15.58 19.46 -15.49
CA PHE B 250 -15.42 19.74 -14.04
C PHE B 250 -14.14 18.97 -13.67
N VAL B 251 -13.16 19.69 -13.07
CA VAL B 251 -11.96 19.04 -12.56
C VAL B 251 -12.11 18.96 -11.04
N HIS B 252 -11.98 17.74 -10.45
CA HIS B 252 -12.12 17.62 -8.99
C HIS B 252 -10.74 17.31 -8.39
N THR B 253 -10.23 18.22 -7.51
CA THR B 253 -8.92 17.97 -6.91
C THR B 253 -9.11 17.71 -5.41
N LEU B 254 -8.52 16.62 -4.84
CA LEU B 254 -8.67 16.28 -3.44
C LEU B 254 -7.41 16.46 -2.66
N GLY B 255 -7.64 16.86 -1.43
CA GLY B 255 -6.64 16.78 -0.35
C GLY B 255 -6.64 15.38 0.34
N ASP B 256 -7.14 15.33 1.60
CA ASP B 256 -7.27 13.99 2.27
C ASP B 256 -8.47 13.32 1.61
N ALA B 257 -8.19 12.30 0.72
CA ALA B 257 -9.28 11.47 0.19
C ALA B 257 -9.38 10.17 1.06
N HIS B 258 -10.56 9.92 1.69
CA HIS B 258 -10.63 8.85 2.69
C HIS B 258 -11.87 8.00 2.44
N LEU B 259 -11.74 6.68 2.65
CA LEU B 259 -12.89 5.81 2.83
CA LEU B 259 -12.91 5.82 2.84
C LEU B 259 -13.00 5.53 4.34
N TYR B 260 -14.11 5.86 4.99
CA TYR B 260 -14.35 5.42 6.34
C TYR B 260 -14.41 3.85 6.41
N GLN B 261 -13.87 3.30 7.52
CA GLN B 261 -13.60 1.87 7.51
CA GLN B 261 -13.59 1.88 7.51
C GLN B 261 -14.93 1.12 7.53
N ASN B 262 -16.04 1.81 7.98
CA ASN B 262 -17.35 1.14 7.95
C ASN B 262 -18.14 1.41 6.64
N HIS B 263 -17.37 1.80 5.55
CA HIS B 263 -17.87 1.82 4.16
C HIS B 263 -17.15 0.86 3.21
N VAL B 264 -16.24 0.02 3.73
CA VAL B 264 -15.44 -0.84 2.86
CA VAL B 264 -15.42 -0.89 2.92
C VAL B 264 -16.27 -1.90 2.14
N GLU B 265 -17.21 -2.60 2.84
CA GLU B 265 -18.02 -3.59 2.14
C GLU B 265 -18.90 -2.97 1.07
N GLN B 266 -19.38 -1.72 1.29
CA GLN B 266 -20.25 -1.01 0.35
C GLN B 266 -19.41 -0.67 -0.92
N MET B 267 -18.18 -0.24 -0.72
CA MET B 267 -17.36 0.18 -1.86
C MET B 267 -17.06 -1.05 -2.71
N GLN B 268 -16.81 -2.18 -1.98
CA GLN B 268 -16.48 -3.39 -2.74
C GLN B 268 -17.71 -3.87 -3.53
N GLU B 269 -18.89 -3.75 -2.89
CA GLU B 269 -20.08 -4.17 -3.68
C GLU B 269 -20.31 -3.24 -4.89
N GLN B 270 -20.06 -1.89 -4.72
CA GLN B 270 -20.23 -0.99 -5.84
C GLN B 270 -19.30 -1.37 -7.00
N LEU B 271 -18.09 -1.84 -6.67
CA LEU B 271 -17.03 -2.09 -7.66
C LEU B 271 -17.32 -3.32 -8.51
N SER B 272 -18.28 -4.17 -8.03
CA SER B 272 -18.69 -5.40 -8.73
C SER B 272 -19.69 -5.13 -9.88
N ARG B 273 -20.21 -3.87 -9.99
CA ARG B 273 -21.32 -3.62 -10.91
C ARG B 273 -20.90 -2.90 -12.22
N GLU B 274 -21.53 -3.24 -13.35
CA GLU B 274 -21.22 -2.66 -14.65
C GLU B 274 -21.72 -1.20 -14.76
N VAL B 275 -20.84 -0.25 -15.20
CA VAL B 275 -21.25 1.15 -15.35
C VAL B 275 -22.37 1.23 -16.43
N ARG B 276 -23.32 2.13 -16.23
CA ARG B 276 -24.37 2.43 -17.25
C ARG B 276 -24.16 3.87 -17.79
N SER B 277 -24.91 4.28 -18.84
CA SER B 277 -24.88 5.68 -19.30
C SER B 277 -25.32 6.65 -18.23
N PHE B 278 -24.58 7.76 -18.15
CA PHE B 278 -24.97 8.90 -17.36
C PHE B 278 -26.30 9.44 -17.89
N PRO B 279 -27.12 10.06 -17.02
CA PRO B 279 -28.35 10.77 -17.49
C PRO B 279 -28.12 12.13 -18.20
N THR B 280 -29.18 12.86 -18.59
CA THR B 280 -28.97 14.21 -19.17
C THR B 280 -29.67 15.21 -18.24
N LEU B 281 -29.11 16.39 -18.11
CA LEU B 281 -29.74 17.46 -17.31
C LEU B 281 -30.66 18.30 -18.15
N VAL B 282 -31.84 18.68 -17.63
CA VAL B 282 -32.77 19.56 -18.34
C VAL B 282 -33.05 20.79 -17.46
N LEU B 283 -32.80 22.02 -18.00
CA LEU B 283 -33.09 23.24 -17.23
C LEU B 283 -34.21 24.10 -17.87
N ASN B 284 -35.03 24.73 -17.03
CA ASN B 284 -36.11 25.62 -17.52
C ASN B 284 -35.50 26.73 -18.39
N PRO B 285 -35.76 26.79 -19.70
CA PRO B 285 -35.19 27.86 -20.52
C PRO B 285 -35.66 29.29 -20.22
N ASP B 286 -36.77 29.44 -19.51
CA ASP B 286 -37.14 30.82 -19.32
C ASP B 286 -36.61 31.44 -18.02
N LYS B 287 -35.74 30.74 -17.28
CA LYS B 287 -35.11 31.36 -16.12
C LYS B 287 -33.78 31.99 -16.53
N ALA B 288 -33.59 33.28 -16.22
CA ALA B 288 -32.42 34.01 -16.68
C ALA B 288 -31.26 33.93 -15.66
N SER B 289 -31.51 34.24 -14.41
CA SER B 289 -30.36 34.26 -13.45
C SER B 289 -30.26 32.89 -12.75
N VAL B 290 -29.04 32.50 -12.32
CA VAL B 290 -28.86 31.33 -11.46
C VAL B 290 -29.71 31.42 -10.20
N PHE B 291 -29.85 32.65 -9.66
CA PHE B 291 -30.64 32.89 -8.44
C PHE B 291 -32.15 32.79 -8.62
N ASP B 292 -32.66 32.72 -9.87
CA ASP B 292 -34.12 32.60 -10.03
C ASP B 292 -34.56 31.12 -10.10
N PHE B 293 -33.59 30.15 -10.14
CA PHE B 293 -34.01 28.78 -10.38
C PHE B 293 -34.65 28.30 -9.08
N ASP B 294 -35.68 27.45 -9.23
CA ASP B 294 -36.31 26.78 -8.05
C ASP B 294 -36.20 25.25 -8.22
N MET B 295 -36.91 24.44 -7.35
CA MET B 295 -36.79 23.00 -7.44
C MET B 295 -37.39 22.53 -8.79
N GLU B 296 -38.54 23.06 -9.20
CA GLU B 296 -39.21 22.45 -10.34
C GLU B 296 -38.60 22.90 -11.68
N ASP B 297 -37.53 23.68 -11.63
CA ASP B 297 -36.88 24.22 -12.82
C ASP B 297 -35.69 23.36 -13.28
N ILE B 298 -35.47 22.22 -12.57
CA ILE B 298 -34.20 21.48 -12.74
C ILE B 298 -34.57 19.98 -12.69
N LYS B 299 -34.24 19.15 -13.69
CA LYS B 299 -34.48 17.71 -13.56
C LYS B 299 -33.38 16.95 -14.26
N VAL B 300 -33.24 15.66 -13.95
CA VAL B 300 -32.49 14.71 -14.78
C VAL B 300 -33.43 13.74 -15.46
N GLU B 301 -33.11 13.40 -16.72
CA GLU B 301 -33.92 12.45 -17.53
C GLU B 301 -33.00 11.30 -17.98
N GLY B 302 -33.55 10.08 -18.06
CA GLY B 302 -32.77 8.90 -18.48
C GLY B 302 -31.91 8.29 -17.37
N TYR B 303 -32.28 8.48 -16.08
CA TYR B 303 -31.39 7.98 -15.00
C TYR B 303 -31.83 6.59 -14.58
N ASP B 304 -30.97 5.57 -14.77
CA ASP B 304 -31.44 4.20 -14.46
C ASP B 304 -30.33 3.46 -13.74
N PRO B 305 -30.10 3.83 -12.47
CA PRO B 305 -28.98 3.28 -11.74
C PRO B 305 -29.26 1.87 -11.21
N HIS B 306 -28.20 1.25 -10.77
CA HIS B 306 -28.22 0.06 -9.92
C HIS B 306 -28.76 0.44 -8.52
N PRO B 307 -29.11 -0.57 -7.66
CA PRO B 307 -29.83 -0.22 -6.42
C PRO B 307 -29.05 0.60 -5.39
N THR B 308 -29.82 1.27 -4.51
CA THR B 308 -29.25 2.01 -3.36
C THR B 308 -28.33 1.04 -2.56
N ILE B 309 -27.15 1.55 -2.09
CA ILE B 309 -26.28 0.83 -1.18
C ILE B 309 -26.18 1.66 0.09
N LYS B 310 -26.85 1.29 1.16
CA LYS B 310 -26.84 2.14 2.37
C LYS B 310 -25.50 2.10 3.13
N ALA B 311 -25.18 3.24 3.78
CA ALA B 311 -23.97 3.27 4.63
C ALA B 311 -24.17 4.30 5.73
N PRO B 312 -23.58 4.19 6.94
CA PRO B 312 -23.74 5.23 8.01
C PRO B 312 -22.84 6.46 7.88
N ILE B 313 -23.40 7.70 8.15
CA ILE B 313 -22.61 8.94 8.10
C ILE B 313 -21.75 9.09 9.37
N ALA B 314 -20.46 9.52 9.20
CA ALA B 314 -19.57 9.76 10.36
C ALA B 314 -19.81 11.16 10.92
N VAL B 315 -20.15 11.26 12.23
CA VAL B 315 -20.52 12.57 12.78
C VAL B 315 -19.32 13.30 13.42
N MET C 1 18.21 -5.00 1.43
CA MET C 1 19.44 -4.07 1.36
C MET C 1 20.65 -4.76 2.00
N GLU C 2 21.91 -4.31 1.70
CA GLU C 2 23.13 -4.94 2.21
C GLU C 2 23.16 -4.81 3.73
N GLU C 3 22.59 -3.73 4.25
CA GLU C 3 22.53 -3.55 5.70
C GLU C 3 21.72 -4.67 6.34
N ALA C 4 20.77 -5.28 5.61
CA ALA C 4 20.08 -6.38 6.28
C ALA C 4 20.94 -7.64 6.41
N TYR C 5 21.81 -7.92 5.41
CA TYR C 5 22.84 -8.99 5.55
C TYR C 5 23.79 -8.75 6.71
N LEU C 6 24.27 -7.49 6.82
CA LEU C 6 25.28 -7.18 7.84
C LEU C 6 24.64 -7.26 9.24
N ALA C 7 23.35 -6.87 9.32
CA ALA C 7 22.63 -7.00 10.57
C ALA C 7 22.47 -8.47 11.05
N LEU C 8 22.36 -9.41 10.09
CA LEU C 8 22.31 -10.84 10.39
C LEU C 8 23.65 -11.32 10.98
N GLY C 9 24.75 -10.93 10.35
CA GLY C 9 26.06 -11.25 10.91
C GLY C 9 26.25 -10.65 12.30
N LYS C 10 25.90 -9.38 12.49
CA LYS C 10 26.09 -8.76 13.80
C LYS C 10 25.21 -9.48 14.88
N LYS C 11 23.93 -9.82 14.56
CA LYS C 11 23.04 -10.48 15.51
CA LYS C 11 23.00 -10.52 15.45
C LYS C 11 23.58 -11.86 15.91
N ILE C 12 24.08 -12.65 14.98
CA ILE C 12 24.77 -13.90 15.32
C ILE C 12 26.02 -13.75 16.22
N LEU C 13 26.89 -12.74 15.96
CA LEU C 13 28.04 -12.51 16.85
C LEU C 13 27.59 -12.12 18.27
N GLU C 14 26.46 -11.43 18.38
CA GLU C 14 26.02 -10.97 19.73
C GLU C 14 25.03 -11.92 20.45
N GLU C 15 24.26 -12.70 19.73
CA GLU C 15 23.21 -13.53 20.35
C GLU C 15 23.17 -15.00 19.91
N GLY C 16 23.86 -15.42 18.84
CA GLY C 16 23.86 -16.81 18.36
C GLY C 16 24.33 -17.78 19.42
N HIS C 17 23.75 -19.01 19.40
CA HIS C 17 24.05 -20.14 20.29
CA HIS C 17 24.08 -20.10 20.32
C HIS C 17 25.30 -20.87 19.84
N PHE C 18 26.26 -20.96 20.79
N PHE C 18 26.20 -21.30 20.77
CA PHE C 18 27.23 -22.01 20.58
CA PHE C 18 27.38 -22.02 20.31
C PHE C 18 26.31 -23.21 20.36
C PHE C 18 27.23 -23.55 20.34
N LYS C 19 26.48 -23.85 19.21
N LYS C 19 27.79 -24.22 19.32
CA LYS C 19 25.77 -25.07 18.86
CA LYS C 19 27.68 -25.68 19.27
C LYS C 19 26.76 -25.93 18.06
C LYS C 19 28.99 -26.20 18.71
N GLU C 20 26.93 -27.20 18.45
N GLU C 20 29.37 -27.39 19.18
CA GLU C 20 27.89 -28.06 17.75
CA GLU C 20 30.57 -28.07 18.74
C GLU C 20 27.29 -28.39 16.39
C GLU C 20 30.24 -29.47 18.23
N ASP C 21 28.02 -29.15 15.58
N ASP C 21 30.47 -29.71 16.92
CA ASP C 21 27.62 -29.33 14.20
CA ASP C 21 30.08 -30.95 16.24
C ASP C 21 28.40 -30.49 13.54
C ASP C 21 30.98 -32.13 16.56
N ARG C 22 27.86 -30.88 12.39
N ARG C 22 30.81 -33.18 15.74
CA ARG C 22 28.22 -32.10 11.68
CA ARG C 22 31.55 -34.43 15.75
C ARG C 22 29.74 -32.20 11.54
C ARG C 22 33.06 -34.19 15.81
N THR C 23 30.37 -31.03 11.35
N THR C 23 33.58 -33.37 14.89
CA THR C 23 31.74 -31.02 10.87
CA THR C 23 35.02 -33.33 14.69
C THR C 23 32.72 -31.07 12.05
C THR C 23 35.69 -32.09 15.27
N GLY C 24 32.20 -30.77 13.25
N GLY C 24 34.99 -31.33 16.14
CA GLY C 24 33.00 -30.76 14.46
CA GLY C 24 35.55 -30.16 16.79
C GLY C 24 33.71 -29.42 14.66
C GLY C 24 35.32 -28.82 16.04
N THR C 25 33.51 -28.49 13.73
N THR C 25 34.37 -28.81 15.11
CA THR C 25 33.97 -27.12 13.86
CA THR C 25 34.06 -27.61 14.35
C THR C 25 33.02 -26.51 14.86
C THR C 25 33.09 -26.71 15.12
N GLY C 26 33.48 -25.52 15.59
CA GLY C 26 32.42 -24.73 16.25
C GLY C 26 31.53 -23.84 15.33
N THR C 27 30.23 -23.65 15.70
CA THR C 27 29.36 -22.59 15.13
C THR C 27 28.61 -21.76 16.19
N TYR C 28 28.26 -20.50 15.83
CA TYR C 28 27.28 -19.71 16.55
C TYR C 28 26.06 -19.63 15.61
N SER C 29 24.84 -19.92 16.12
CA SER C 29 23.74 -20.00 15.15
C SER C 29 22.42 -19.49 15.77
N LEU C 30 21.52 -19.10 14.85
CA LEU C 30 20.13 -18.84 15.21
CA LEU C 30 20.14 -18.71 15.12
C LEU C 30 19.22 -19.56 14.23
N PHE C 31 17.94 -19.71 14.62
CA PHE C 31 17.02 -20.43 13.77
C PHE C 31 15.81 -19.53 13.37
N GLY C 32 15.63 -19.43 12.05
CA GLY C 32 14.52 -18.67 11.48
C GLY C 32 14.90 -17.21 11.32
N TYR C 33 15.10 -16.79 10.07
CA TYR C 33 15.46 -15.41 9.79
C TYR C 33 14.92 -15.02 8.40
N GLN C 34 14.65 -13.74 8.08
CA GLN C 34 14.18 -13.43 6.72
C GLN C 34 14.77 -12.05 6.31
N MET C 35 15.36 -11.96 5.11
CA MET C 35 15.90 -10.73 4.53
C MET C 35 15.19 -10.44 3.22
N ARG C 36 14.94 -9.15 2.92
CA ARG C 36 14.32 -8.72 1.63
C ARG C 36 15.31 -7.88 0.81
N PHE C 37 15.37 -8.12 -0.49
CA PHE C 37 16.17 -7.33 -1.44
C PHE C 37 15.21 -6.77 -2.50
N ASP C 38 15.05 -5.42 -2.55
CA ASP C 38 14.23 -4.86 -3.61
C ASP C 38 15.16 -4.68 -4.84
N LEU C 39 14.92 -5.48 -5.91
CA LEU C 39 15.84 -5.60 -7.02
C LEU C 39 15.80 -4.35 -7.91
N ALA C 40 14.72 -3.53 -7.82
CA ALA C 40 14.76 -2.19 -8.45
C ALA C 40 15.82 -1.24 -7.87
N LYS C 41 16.28 -1.48 -6.63
CA LYS C 41 17.22 -0.60 -5.96
C LYS C 41 18.66 -0.91 -6.35
N GLY C 42 18.88 -2.03 -7.04
CA GLY C 42 20.25 -2.44 -7.32
C GLY C 42 20.43 -3.97 -7.29
N PHE C 43 21.47 -4.47 -8.00
CA PHE C 43 21.71 -5.92 -8.03
C PHE C 43 22.53 -6.33 -6.81
N PRO C 44 21.99 -7.24 -5.92
CA PRO C 44 22.58 -7.48 -4.61
C PRO C 44 23.86 -8.31 -4.49
N LEU C 45 24.90 -7.77 -5.13
CA LEU C 45 26.22 -8.36 -5.09
C LEU C 45 27.03 -7.53 -4.07
N LEU C 46 27.45 -8.18 -2.96
CA LEU C 46 27.81 -7.34 -1.80
C LEU C 46 28.95 -6.35 -2.09
N THR C 47 28.98 -5.17 -1.41
CA THR C 47 30.04 -4.17 -1.65
C THR C 47 31.13 -4.25 -0.56
N THR C 48 30.78 -4.74 0.66
CA THR C 48 31.67 -4.67 1.81
C THR C 48 32.72 -5.74 1.72
N LYS C 49 32.62 -6.70 0.76
CA LYS C 49 33.78 -7.47 0.26
C LYS C 49 33.52 -7.85 -1.18
N ARG C 50 34.60 -8.26 -1.90
CA ARG C 50 34.41 -8.61 -3.30
C ARG C 50 33.81 -10.01 -3.36
N VAL C 51 32.78 -10.21 -4.20
CA VAL C 51 32.11 -11.48 -4.36
C VAL C 51 32.26 -11.86 -5.85
N PRO C 52 32.69 -13.09 -6.20
CA PRO C 52 33.07 -13.42 -7.61
C PRO C 52 31.87 -13.83 -8.47
N PHE C 53 31.37 -12.86 -9.21
CA PHE C 53 30.11 -12.97 -9.96
C PHE C 53 30.32 -13.96 -11.09
N GLY C 54 31.59 -14.09 -11.57
CA GLY C 54 31.77 -15.02 -12.69
C GLY C 54 31.39 -16.49 -12.38
N LEU C 55 31.74 -16.96 -11.16
CA LEU C 55 31.45 -18.31 -10.72
C LEU C 55 29.93 -18.50 -10.47
N ILE C 56 29.31 -17.46 -9.90
CA ILE C 56 27.84 -17.46 -9.66
C ILE C 56 27.11 -17.70 -10.98
N LYS C 57 27.54 -16.93 -12.01
CA LYS C 57 26.79 -16.94 -13.26
C LYS C 57 26.99 -18.22 -14.06
N SER C 58 28.20 -18.81 -14.04
CA SER C 58 28.44 -20.08 -14.75
C SER C 58 27.70 -21.23 -14.06
N GLU C 59 27.61 -21.16 -12.72
CA GLU C 59 26.97 -22.25 -12.03
C GLU C 59 25.45 -22.15 -12.22
N LEU C 60 24.95 -20.88 -12.28
CA LEU C 60 23.48 -20.73 -12.39
C LEU C 60 23.02 -21.11 -13.81
N LEU C 61 23.82 -20.80 -14.84
CA LEU C 61 23.39 -21.16 -16.20
C LEU C 61 23.41 -22.68 -16.38
N TRP C 62 24.35 -23.37 -15.72
CA TRP C 62 24.44 -24.82 -15.68
C TRP C 62 23.19 -25.44 -15.06
N PHE C 63 22.70 -24.90 -13.93
CA PHE C 63 21.48 -25.49 -13.37
C PHE C 63 20.24 -25.26 -14.24
N LEU C 64 20.15 -24.02 -14.77
CA LEU C 64 19.00 -23.46 -15.51
CA LEU C 64 18.97 -23.52 -15.46
C LEU C 64 18.78 -24.36 -16.71
N LYS C 65 19.88 -24.81 -17.32
CA LYS C 65 19.84 -25.69 -18.52
C LYS C 65 19.81 -27.20 -18.18
N GLY C 66 19.72 -27.55 -16.89
CA GLY C 66 19.48 -28.93 -16.52
C GLY C 66 20.76 -29.74 -16.70
N ASP C 67 21.88 -29.04 -16.97
CA ASP C 67 23.10 -29.82 -17.17
C ASP C 67 23.64 -30.36 -15.82
N THR C 68 24.12 -31.61 -15.77
CA THR C 68 24.74 -32.17 -14.58
C THR C 68 26.17 -32.71 -14.83
N ASN C 69 26.76 -32.36 -15.99
CA ASN C 69 28.14 -32.75 -16.32
C ASN C 69 29.10 -31.57 -16.12
N ILE C 70 30.32 -31.75 -15.57
CA ILE C 70 31.15 -30.61 -15.20
CA ILE C 70 31.12 -30.59 -15.21
C ILE C 70 31.88 -29.98 -16.40
N ARG C 71 31.80 -30.64 -17.57
CA ARG C 71 32.45 -30.13 -18.78
C ARG C 71 32.17 -28.64 -19.00
N TYR C 72 30.86 -28.30 -18.99
CA TYR C 72 30.34 -26.97 -19.18
C TYR C 72 31.07 -26.04 -18.21
N LEU C 73 31.17 -26.42 -16.92
CA LEU C 73 31.79 -25.58 -15.91
C LEU C 73 33.29 -25.37 -16.18
N LEU C 74 34.02 -26.45 -16.46
CA LEU C 74 35.46 -26.38 -16.70
C LEU C 74 35.75 -25.45 -17.88
N GLU C 75 34.89 -25.46 -18.92
CA GLU C 75 35.09 -24.58 -20.06
C GLU C 75 35.09 -23.12 -19.63
N ARG C 76 34.34 -22.78 -18.57
CA ARG C 76 34.24 -21.41 -18.10
C ARG C 76 35.09 -21.16 -16.84
N ASN C 77 36.07 -22.02 -16.56
CA ASN C 77 37.03 -21.82 -15.45
C ASN C 77 36.35 -21.83 -14.06
N ASN C 78 35.29 -22.63 -13.93
CA ASN C 78 34.61 -22.85 -12.65
C ASN C 78 34.96 -24.28 -12.18
N HIS C 79 35.70 -24.34 -11.07
CA HIS C 79 36.22 -25.58 -10.48
C HIS C 79 35.42 -26.04 -9.27
N ILE C 80 34.25 -25.42 -9.02
CA ILE C 80 33.58 -25.52 -7.71
C ILE C 80 33.12 -26.95 -7.44
N TRP C 81 32.87 -27.68 -8.53
CA TRP C 81 32.22 -28.98 -8.46
C TRP C 81 33.18 -30.05 -8.95
N ASP C 82 34.49 -29.75 -8.93
CA ASP C 82 35.52 -30.71 -9.33
C ASP C 82 35.71 -31.84 -8.32
N GLU C 83 35.55 -31.56 -7.01
CA GLU C 83 36.02 -32.48 -5.97
C GLU C 83 35.33 -33.84 -6.06
N TRP C 84 34.00 -33.85 -6.06
CA TRP C 84 33.24 -35.09 -6.16
C TRP C 84 33.71 -35.89 -7.38
N ALA C 85 33.98 -35.18 -8.50
CA ALA C 85 34.28 -35.77 -9.80
C ALA C 85 35.66 -36.41 -9.78
N PHE C 86 36.65 -35.74 -9.21
CA PHE C 86 37.98 -36.33 -9.25
C PHE C 86 38.04 -37.56 -8.35
N GLU C 87 37.45 -37.46 -7.14
CA GLU C 87 37.44 -38.54 -6.17
C GLU C 87 36.99 -39.83 -6.85
N ARG C 88 35.87 -39.72 -7.60
CA ARG C 88 35.23 -40.81 -8.32
C ARG C 88 36.27 -41.52 -9.18
N TYR C 89 37.14 -40.72 -9.84
CA TYR C 89 37.97 -41.25 -10.91
C TYR C 89 39.20 -42.03 -10.42
N VAL C 90 39.69 -41.66 -9.23
CA VAL C 90 40.93 -42.15 -8.66
C VAL C 90 40.65 -43.56 -8.11
N LYS C 91 39.71 -44.29 -8.76
CA LYS C 91 39.19 -45.57 -8.29
C LYS C 91 39.09 -46.58 -9.45
N LYS C 123 45.55 -32.96 -15.23
CA LYS C 123 45.46 -34.20 -16.08
C LYS C 123 44.01 -34.63 -16.24
N PHE C 124 43.37 -35.03 -15.12
CA PHE C 124 41.99 -35.45 -15.25
C PHE C 124 41.15 -34.31 -15.86
N CYS C 125 41.31 -33.07 -15.33
CA CYS C 125 40.65 -31.88 -15.83
C CYS C 125 40.76 -31.77 -17.36
N ASP C 126 41.90 -32.23 -17.91
CA ASP C 126 42.20 -31.98 -19.32
C ASP C 126 41.41 -32.94 -20.22
N ALA C 127 41.30 -34.19 -19.81
CA ALA C 127 40.63 -35.17 -20.64
C ALA C 127 39.12 -34.87 -20.65
N ILE C 128 38.56 -34.52 -19.47
CA ILE C 128 37.17 -34.08 -19.46
C ILE C 128 36.95 -33.11 -20.63
N LEU C 129 37.91 -32.18 -20.84
CA LEU C 129 37.71 -31.07 -21.76
C LEU C 129 37.90 -31.51 -23.22
N ASN C 130 38.81 -32.48 -23.45
CA ASN C 130 39.18 -32.83 -24.83
C ASN C 130 38.74 -34.24 -25.25
N ASP C 131 38.34 -35.08 -24.30
CA ASP C 131 37.96 -36.44 -24.67
C ASP C 131 36.51 -36.73 -24.27
N ALA C 132 35.60 -36.73 -25.27
CA ALA C 132 34.15 -36.76 -25.10
C ALA C 132 33.63 -38.04 -24.43
N GLU C 133 34.31 -39.19 -24.64
CA GLU C 133 33.92 -40.46 -24.03
C GLU C 133 34.28 -40.49 -22.54
N PHE C 134 35.45 -39.93 -22.19
CA PHE C 134 35.90 -39.78 -20.81
C PHE C 134 34.96 -38.88 -20.00
N ALA C 135 34.44 -37.82 -20.63
CA ALA C 135 33.59 -36.81 -20.00
C ALA C 135 32.24 -37.43 -19.61
N GLU C 136 31.69 -38.21 -20.54
CA GLU C 136 30.40 -38.86 -20.30
C GLU C 136 30.52 -39.79 -19.11
N LYS C 137 31.72 -40.35 -18.89
CA LYS C 137 31.92 -41.32 -17.81
C LYS C 137 32.26 -40.63 -16.49
N TYR C 138 33.21 -39.69 -16.47
CA TYR C 138 33.66 -39.27 -15.16
C TYR C 138 33.25 -37.83 -14.87
N GLY C 139 32.61 -37.16 -15.84
CA GLY C 139 32.17 -35.81 -15.59
C GLY C 139 30.74 -35.68 -15.07
N GLU C 140 30.01 -36.81 -14.96
CA GLU C 140 28.59 -36.79 -14.61
C GLU C 140 28.43 -36.81 -13.09
N LEU C 141 27.88 -35.73 -12.52
CA LEU C 141 27.37 -35.66 -11.15
C LEU C 141 25.94 -36.17 -11.21
N GLY C 142 25.47 -36.82 -10.17
CA GLY C 142 24.23 -37.52 -10.42
C GLY C 142 23.02 -36.60 -10.25
N ASN C 143 22.51 -36.63 -9.02
CA ASN C 143 21.27 -35.96 -8.69
C ASN C 143 21.61 -34.71 -7.92
N ILE C 144 21.71 -33.60 -8.68
CA ILE C 144 22.01 -32.29 -8.11
C ILE C 144 21.05 -31.28 -8.73
N TYR C 145 21.22 -29.96 -8.48
CA TYR C 145 20.11 -29.02 -8.77
C TYR C 145 19.58 -29.14 -10.21
N GLY C 146 20.48 -29.15 -11.23
CA GLY C 146 19.96 -29.19 -12.62
C GLY C 146 18.88 -30.27 -12.77
N ALA C 147 19.17 -31.51 -12.30
CA ALA C 147 18.24 -32.63 -12.48
C ALA C 147 16.97 -32.48 -11.61
N GLN C 148 17.15 -32.07 -10.34
CA GLN C 148 16.00 -31.80 -9.52
C GLN C 148 15.03 -30.79 -10.22
N TRP C 149 15.53 -29.62 -10.70
CA TRP C 149 14.72 -28.57 -11.23
C TRP C 149 14.11 -28.95 -12.60
N ARG C 150 14.79 -29.76 -13.43
CA ARG C 150 14.33 -29.91 -14.80
C ARG C 150 13.99 -31.38 -15.16
N HIS C 151 14.27 -32.37 -14.29
CA HIS C 151 14.05 -33.80 -14.64
C HIS C 151 13.74 -34.67 -13.41
N TRP C 152 12.68 -34.33 -12.66
CA TRP C 152 12.27 -35.06 -11.45
C TRP C 152 11.58 -36.40 -11.77
N GLU C 153 12.20 -37.51 -11.36
CA GLU C 153 11.71 -38.79 -11.86
C GLU C 153 10.43 -39.19 -11.11
N THR C 154 9.52 -39.88 -11.82
CA THR C 154 8.23 -40.36 -11.31
C THR C 154 8.24 -41.90 -11.23
N LYS C 155 7.21 -42.45 -10.57
CA LYS C 155 7.14 -43.88 -10.36
C LYS C 155 7.08 -44.69 -11.69
N ASP C 156 6.35 -44.20 -12.71
CA ASP C 156 6.17 -44.95 -13.98
C ASP C 156 7.38 -44.76 -14.90
N GLY C 157 8.42 -44.05 -14.45
CA GLY C 157 9.62 -43.94 -15.31
C GLY C 157 9.68 -42.67 -16.15
N SER C 158 8.68 -41.79 -16.04
CA SER C 158 8.74 -40.52 -16.75
CA SER C 158 8.68 -40.51 -16.72
C SER C 158 9.22 -39.41 -15.81
N PHE C 159 9.17 -38.14 -16.28
CA PHE C 159 10.00 -37.12 -15.62
C PHE C 159 9.15 -35.86 -15.62
N ILE C 160 9.23 -35.06 -14.53
CA ILE C 160 8.57 -33.75 -14.51
C ILE C 160 9.66 -32.67 -14.65
N ASP C 161 9.41 -31.67 -15.51
CA ASP C 161 10.31 -30.50 -15.63
C ASP C 161 9.68 -29.32 -14.85
N GLN C 162 10.01 -29.19 -13.56
CA GLN C 162 9.31 -28.25 -12.71
C GLN C 162 9.60 -26.82 -13.19
N LEU C 163 10.86 -26.48 -13.57
CA LEU C 163 11.16 -25.07 -13.93
C LEU C 163 10.46 -24.71 -15.26
N ALA C 164 10.40 -25.62 -16.25
CA ALA C 164 9.67 -25.25 -17.47
C ALA C 164 8.21 -25.02 -17.14
N ASN C 165 7.64 -25.94 -16.34
CA ASN C 165 6.22 -25.80 -16.02
C ASN C 165 5.90 -24.46 -15.30
N VAL C 166 6.77 -24.07 -14.34
CA VAL C 166 6.59 -22.85 -13.55
CA VAL C 166 6.56 -22.87 -13.56
C VAL C 166 6.69 -21.62 -14.43
N ILE C 167 7.65 -21.58 -15.38
CA ILE C 167 7.73 -20.51 -16.39
C ILE C 167 6.38 -20.38 -17.15
N GLU C 168 5.87 -21.48 -17.71
CA GLU C 168 4.58 -21.44 -18.42
C GLU C 168 3.42 -20.97 -17.54
N MET C 169 3.41 -21.37 -16.24
CA MET C 169 2.31 -20.96 -15.37
CA MET C 169 2.26 -20.95 -15.45
C MET C 169 2.45 -19.47 -15.09
N ILE C 170 3.69 -18.95 -15.05
CA ILE C 170 3.81 -17.48 -14.83
C ILE C 170 3.19 -16.75 -16.00
N LYS C 171 3.43 -17.23 -17.22
CA LYS C 171 2.89 -16.52 -18.40
C LYS C 171 1.38 -16.59 -18.52
N THR C 172 0.75 -17.76 -18.19
CA THR C 172 -0.68 -18.02 -18.43
C THR C 172 -1.53 -17.81 -17.20
N ASN C 173 -0.92 -17.85 -15.99
CA ASN C 173 -1.74 -17.91 -14.76
C ASN C 173 -1.00 -17.20 -13.65
N PRO C 174 -0.66 -15.89 -13.85
CA PRO C 174 0.27 -15.19 -12.97
C PRO C 174 -0.21 -15.05 -11.55
N ASP C 175 -1.53 -15.14 -11.33
CA ASP C 175 -1.98 -15.04 -9.95
C ASP C 175 -1.83 -16.32 -9.14
N SER C 176 -1.42 -17.43 -9.78
CA SER C 176 -1.32 -18.74 -9.08
C SER C 176 -0.44 -18.68 -7.82
N ARG C 177 -0.93 -19.28 -6.72
CA ARG C 177 -0.19 -19.41 -5.46
C ARG C 177 0.55 -20.74 -5.38
N ARG C 178 0.73 -21.40 -6.53
CA ARG C 178 1.39 -22.72 -6.54
C ARG C 178 2.65 -22.70 -7.46
N LEU C 179 3.36 -21.56 -7.56
CA LEU C 179 4.49 -21.41 -8.49
C LEU C 179 5.77 -21.93 -7.82
N ILE C 180 5.84 -23.25 -7.57
CA ILE C 180 6.78 -23.83 -6.58
C ILE C 180 7.74 -24.76 -7.34
N VAL C 181 9.08 -24.68 -7.05
CA VAL C 181 10.12 -25.66 -7.47
C VAL C 181 10.73 -26.27 -6.23
N SER C 182 10.62 -27.63 -6.09
CA SER C 182 11.19 -28.31 -4.93
C SER C 182 12.49 -29.06 -5.29
N ALA C 183 13.50 -28.95 -4.35
CA ALA C 183 14.70 -29.78 -4.58
C ALA C 183 14.79 -30.98 -3.63
N TRP C 184 13.72 -31.21 -2.84
CA TRP C 184 13.76 -32.11 -1.66
C TRP C 184 12.89 -33.38 -1.85
N ASN C 185 13.59 -34.56 -2.08
CA ASN C 185 12.82 -35.81 -2.26
C ASN C 185 13.20 -36.77 -1.15
N PRO C 186 12.37 -37.10 -0.08
CA PRO C 186 12.89 -37.96 1.00
C PRO C 186 13.36 -39.37 0.60
N GLU C 187 12.96 -39.84 -0.58
CA GLU C 187 13.46 -41.10 -1.13
C GLU C 187 14.99 -40.98 -1.37
N ASP C 188 15.47 -39.79 -1.76
CA ASP C 188 16.82 -39.69 -2.30
C ASP C 188 17.79 -39.13 -1.27
N VAL C 189 17.28 -38.27 -0.39
CA VAL C 189 18.09 -37.57 0.60
C VAL C 189 19.05 -38.49 1.38
N PRO C 190 18.60 -39.62 1.99
CA PRO C 190 19.47 -40.34 2.93
C PRO C 190 20.78 -40.85 2.33
N SER C 191 20.81 -41.02 1.01
CA SER C 191 22.03 -41.54 0.39
C SER C 191 22.81 -40.48 -0.40
N MET C 192 22.45 -39.19 -0.31
CA MET C 192 23.21 -38.16 -1.02
C MET C 192 24.33 -37.67 -0.11
N ALA C 193 25.50 -37.33 -0.70
CA ALA C 193 26.55 -36.73 0.13
C ALA C 193 26.14 -35.34 0.61
N LEU C 194 25.47 -34.62 -0.29
CA LEU C 194 25.07 -33.25 -0.02
C LEU C 194 23.57 -33.03 -0.28
N PRO C 195 22.66 -33.36 0.68
CA PRO C 195 21.23 -33.09 0.52
C PRO C 195 21.08 -31.59 0.33
N PRO C 196 20.18 -31.17 -0.59
CA PRO C 196 20.13 -29.74 -1.01
C PRO C 196 19.98 -28.81 0.22
N HIS C 198 19.24 -25.61 -0.60
CA HIS C 198 18.23 -24.67 -1.12
C HIS C 198 17.04 -25.58 -1.36
N THR C 199 16.17 -25.73 -0.34
CA THR C 199 15.20 -26.83 -0.37
C THR C 199 14.04 -26.59 -1.36
N MET C 200 13.52 -25.34 -1.45
CA MET C 200 12.34 -25.06 -2.26
CA MET C 200 12.39 -25.06 -2.34
C MET C 200 12.29 -23.53 -2.52
N PHE C 201 11.74 -23.12 -3.65
CA PHE C 201 11.50 -21.67 -3.83
C PHE C 201 10.16 -21.43 -4.50
N GLN C 202 9.68 -20.17 -4.41
CA GLN C 202 8.30 -19.93 -4.89
C GLN C 202 8.29 -18.60 -5.59
N PHE C 203 7.63 -18.47 -6.72
CA PHE C 203 7.48 -17.14 -7.39
C PHE C 203 6.14 -16.49 -7.07
N TYR C 204 6.07 -15.15 -7.31
CA TYR C 204 4.88 -14.34 -7.08
C TYR C 204 4.81 -13.21 -8.10
N VAL C 205 3.62 -12.90 -8.61
N VAL C 205 3.61 -12.96 -8.63
CA VAL C 205 3.47 -11.80 -9.62
CA VAL C 205 3.40 -11.90 -9.64
C VAL C 205 2.55 -10.67 -9.13
C VAL C 205 2.24 -10.99 -9.24
N ASN C 206 3.05 -9.44 -9.12
N ASN C 206 2.47 -9.71 -9.28
CA ASN C 206 2.09 -8.35 -8.90
CA ASN C 206 1.37 -8.76 -9.29
C ASN C 206 2.45 -7.06 -9.62
C ASN C 206 1.96 -7.41 -9.74
N GLU C 207 1.37 -6.46 -10.17
N GLU C 207 1.09 -6.58 -10.36
CA GLU C 207 1.39 -5.26 -10.98
CA GLU C 207 1.42 -5.28 -10.92
C GLU C 207 2.61 -5.33 -11.90
C GLU C 207 2.64 -5.38 -11.85
N GLY C 208 2.67 -6.42 -12.71
CA GLY C 208 3.70 -6.64 -13.73
C GLY C 208 5.14 -6.83 -13.21
N LYS C 209 5.30 -7.18 -11.89
CA LYS C 209 6.62 -7.48 -11.31
C LYS C 209 6.74 -8.93 -10.74
N LEU C 210 7.92 -9.55 -10.96
CA LEU C 210 8.16 -10.92 -10.51
C LEU C 210 8.97 -10.88 -9.21
N SER C 211 8.46 -11.62 -8.18
CA SER C 211 9.25 -11.77 -6.98
C SER C 211 9.48 -13.27 -6.76
N CYS C 212 10.49 -13.60 -5.92
CA CYS C 212 10.90 -15.00 -5.60
C CYS C 212 11.22 -15.12 -4.10
N GLN C 213 10.75 -16.20 -3.38
CA GLN C 213 11.22 -16.39 -2.01
C GLN C 213 11.94 -17.78 -2.02
N LEU C 214 13.12 -17.92 -1.38
CA LEU C 214 13.84 -19.17 -1.22
C LEU C 214 13.74 -19.57 0.24
N TYR C 215 13.52 -20.88 0.49
CA TYR C 215 13.62 -21.45 1.85
C TYR C 215 14.97 -22.21 1.89
N GLN C 216 15.90 -21.76 2.74
CA GLN C 216 17.28 -22.33 2.81
C GLN C 216 17.47 -22.99 4.20
N ARG C 217 17.46 -24.37 4.23
CA ARG C 217 17.43 -25.10 5.51
C ARG C 217 18.73 -24.86 6.33
N SER C 218 19.85 -24.49 5.61
CA SER C 218 21.11 -24.44 6.37
C SER C 218 22.00 -23.43 5.64
N ALA C 219 22.46 -22.42 6.36
CA ALA C 219 23.17 -21.31 5.72
C ALA C 219 24.48 -21.03 6.44
N ASP C 220 25.63 -21.05 5.71
CA ASP C 220 26.90 -20.59 6.29
C ASP C 220 26.95 -19.09 5.99
N VAL C 221 26.88 -18.27 7.04
CA VAL C 221 26.49 -16.87 6.83
C VAL C 221 27.65 -16.02 6.24
N PHE C 222 28.94 -16.27 6.62
CA PHE C 222 30.10 -15.54 6.06
C PHE C 222 30.40 -15.97 4.60
N LEU C 223 30.60 -17.28 4.36
CA LEU C 223 31.05 -17.67 3.02
C LEU C 223 29.91 -18.02 2.09
N GLY C 224 28.84 -18.72 2.54
CA GLY C 224 27.83 -19.14 1.54
C GLY C 224 26.74 -18.10 1.22
N VAL C 225 26.17 -17.43 2.23
CA VAL C 225 25.02 -16.56 2.01
C VAL C 225 25.30 -15.48 0.94
N PRO C 226 26.50 -14.80 0.87
CA PRO C 226 26.69 -13.76 -0.16
C PRO C 226 26.57 -14.31 -1.59
N PHE C 227 27.11 -15.54 -1.77
CA PHE C 227 26.97 -16.19 -3.06
C PHE C 227 25.51 -16.59 -3.32
N ASN C 228 24.84 -17.21 -2.33
CA ASN C 228 23.40 -17.58 -2.45
C ASN C 228 22.47 -16.42 -2.82
N ILE C 229 22.59 -15.24 -2.15
CA ILE C 229 21.83 -14.04 -2.48
C ILE C 229 21.97 -13.73 -3.98
N ALA C 230 23.20 -13.61 -4.43
CA ALA C 230 23.40 -13.25 -5.82
C ALA C 230 22.80 -14.28 -6.80
N SER C 231 22.97 -15.62 -6.50
CA SER C 231 22.50 -16.65 -7.44
CA SER C 231 22.49 -16.66 -7.42
C SER C 231 20.99 -16.49 -7.64
N TYR C 232 20.25 -16.40 -6.52
CA TYR C 232 18.79 -16.38 -6.63
C TYR C 232 18.24 -15.03 -7.09
N ALA C 233 18.93 -13.92 -6.81
CA ALA C 233 18.56 -12.65 -7.45
C ALA C 233 18.80 -12.71 -8.97
N LEU C 234 19.91 -13.34 -9.40
CA LEU C 234 20.08 -13.56 -10.84
C LEU C 234 18.96 -14.42 -11.44
N LEU C 235 18.60 -15.55 -10.80
CA LEU C 235 17.52 -16.39 -11.32
C LEU C 235 16.22 -15.59 -11.42
N THR C 236 15.96 -14.69 -10.44
CA THR C 236 14.75 -13.85 -10.50
C THR C 236 14.76 -12.95 -11.76
N HIS C 237 15.93 -12.34 -12.07
CA HIS C 237 16.02 -11.47 -13.22
C HIS C 237 15.92 -12.28 -14.52
N LEU C 238 16.56 -13.48 -14.59
CA LEU C 238 16.44 -14.29 -15.83
C LEU C 238 15.00 -14.72 -16.08
N ILE C 239 14.30 -15.26 -15.04
CA ILE C 239 12.86 -15.61 -15.26
C ILE C 239 11.98 -14.40 -15.62
N ALA C 240 12.18 -13.22 -15.00
CA ALA C 240 11.45 -12.00 -15.40
C ALA C 240 11.70 -11.66 -16.87
N HIS C 241 12.98 -11.75 -17.34
CA HIS C 241 13.33 -11.47 -18.74
C HIS C 241 12.54 -12.43 -19.68
N GLU C 242 12.51 -13.75 -19.34
CA GLU C 242 11.88 -14.81 -20.20
C GLU C 242 10.33 -14.62 -20.20
N THR C 243 9.72 -14.04 -19.16
CA THR C 243 8.26 -13.88 -19.02
C THR C 243 7.73 -12.50 -19.38
N GLY C 244 8.67 -11.62 -19.74
CA GLY C 244 8.28 -10.26 -20.12
C GLY C 244 7.84 -9.43 -18.89
N LEU C 245 8.39 -9.71 -17.69
CA LEU C 245 8.04 -8.96 -16.46
C LEU C 245 9.20 -8.08 -16.00
N GLU C 246 8.92 -7.08 -15.14
CA GLU C 246 9.93 -6.28 -14.44
C GLU C 246 10.28 -6.97 -13.12
N VAL C 247 11.33 -6.54 -12.41
CA VAL C 247 11.67 -7.29 -11.19
C VAL C 247 11.04 -6.67 -9.92
N GLY C 248 10.57 -7.52 -8.97
CA GLY C 248 10.07 -7.10 -7.66
C GLY C 248 11.15 -7.35 -6.59
N GLU C 249 10.89 -8.28 -5.67
CA GLU C 249 11.87 -8.50 -4.58
C GLU C 249 12.38 -9.95 -4.53
N PHE C 250 13.61 -10.12 -4.03
CA PHE C 250 14.06 -11.46 -3.61
C PHE C 250 13.99 -11.51 -2.06
N VAL C 251 13.18 -12.49 -1.57
CA VAL C 251 12.95 -12.70 -0.13
C VAL C 251 13.74 -13.97 0.26
N HIS C 252 14.63 -13.87 1.21
CA HIS C 252 15.55 -14.97 1.53
C HIS C 252 15.24 -15.47 2.94
N THR C 253 14.70 -16.71 3.07
CA THR C 253 14.28 -17.26 4.37
C THR C 253 15.32 -18.32 4.77
N LEU C 254 15.85 -18.26 6.03
CA LEU C 254 16.87 -19.20 6.54
C LEU C 254 16.24 -20.04 7.67
N GLY C 255 16.63 -21.35 7.72
CA GLY C 255 16.43 -22.27 8.85
C GLY C 255 17.61 -22.06 9.83
N ASP C 256 18.62 -22.97 9.81
CA ASP C 256 19.74 -22.88 10.74
C ASP C 256 20.79 -21.98 10.07
N ALA C 257 20.91 -20.74 10.59
CA ALA C 257 21.85 -19.75 10.07
C ALA C 257 23.04 -19.78 11.01
N HIS C 258 24.25 -20.08 10.48
CA HIS C 258 25.39 -20.26 11.37
C HIS C 258 26.62 -19.48 10.85
N LEU C 259 27.36 -18.89 11.80
CA LEU C 259 28.70 -18.38 11.56
C LEU C 259 29.71 -19.38 12.13
N TYR C 260 30.60 -19.96 11.28
CA TYR C 260 31.68 -20.83 11.77
C TYR C 260 32.55 -20.07 12.76
N GLN C 261 33.13 -20.73 13.78
CA GLN C 261 33.82 -19.89 14.77
C GLN C 261 35.16 -19.36 14.26
N ASN C 262 35.72 -20.02 13.24
CA ASN C 262 36.89 -19.53 12.50
C ASN C 262 36.57 -18.52 11.37
N HIS C 263 35.32 -17.96 11.33
CA HIS C 263 34.95 -16.86 10.44
C HIS C 263 34.68 -15.55 11.22
N VAL C 264 34.89 -15.56 12.54
CA VAL C 264 34.41 -14.46 13.39
C VAL C 264 35.26 -13.17 13.11
N GLU C 265 36.59 -13.32 13.08
CA GLU C 265 37.44 -12.15 12.78
C GLU C 265 37.08 -11.55 11.42
N GLN C 266 36.84 -12.40 10.42
CA GLN C 266 36.53 -11.91 9.09
C GLN C 266 35.16 -11.21 9.12
N MET C 267 34.17 -11.73 9.89
CA MET C 267 32.87 -11.02 9.96
C MET C 267 33.06 -9.65 10.63
N GLN C 268 33.86 -9.61 11.70
CA GLN C 268 34.12 -8.31 12.37
C GLN C 268 34.81 -7.30 11.46
N GLU C 269 35.76 -7.76 10.64
CA GLU C 269 36.40 -6.85 9.68
C GLU C 269 35.38 -6.24 8.71
N GLN C 270 34.47 -7.12 8.21
CA GLN C 270 33.44 -6.73 7.23
C GLN C 270 32.55 -5.63 7.82
N LEU C 271 32.15 -5.79 9.11
CA LEU C 271 31.21 -4.89 9.80
C LEU C 271 31.84 -3.50 10.04
N SER C 272 33.14 -3.37 9.83
CA SER C 272 33.85 -2.12 10.05
C SER C 272 33.88 -1.24 8.79
N ARG C 273 33.41 -1.75 7.63
CA ARG C 273 33.58 -1.06 6.36
C ARG C 273 32.31 -0.31 5.95
N GLU C 274 32.44 0.81 5.21
CA GLU C 274 31.27 1.58 4.80
C GLU C 274 30.62 0.91 3.58
N VAL C 275 29.27 0.84 3.60
CA VAL C 275 28.46 0.26 2.55
C VAL C 275 28.45 1.23 1.37
N ARG C 276 28.51 0.65 0.16
CA ARG C 276 28.47 1.43 -1.08
C ARG C 276 27.23 1.02 -1.88
N SER C 277 26.93 1.76 -2.96
CA SER C 277 25.77 1.40 -3.77
C SER C 277 25.98 0.08 -4.51
N PHE C 278 24.91 -0.72 -4.63
CA PHE C 278 24.96 -1.97 -5.37
C PHE C 278 25.12 -1.64 -6.85
N PRO C 279 25.78 -2.52 -7.65
CA PRO C 279 25.97 -2.28 -9.10
C PRO C 279 24.65 -2.55 -9.80
N THR C 280 24.59 -2.40 -11.13
CA THR C 280 23.36 -2.61 -11.90
C THR C 280 23.54 -3.79 -12.86
N LEU C 281 22.56 -4.72 -12.98
CA LEU C 281 22.61 -5.92 -13.83
C LEU C 281 22.18 -5.51 -15.23
N VAL C 282 23.00 -5.84 -16.24
CA VAL C 282 22.55 -5.64 -17.63
C VAL C 282 22.47 -6.97 -18.34
N LEU C 283 21.34 -7.25 -18.98
CA LEU C 283 21.27 -8.48 -19.73
C LEU C 283 21.13 -8.13 -21.21
N ASN C 284 21.44 -9.07 -22.09
CA ASN C 284 21.52 -8.83 -23.52
C ASN C 284 20.11 -8.66 -24.05
N PRO C 285 19.76 -7.46 -24.56
CA PRO C 285 18.41 -7.18 -25.05
C PRO C 285 18.01 -7.92 -26.33
N ASP C 286 19.01 -8.48 -27.04
CA ASP C 286 18.89 -8.93 -28.43
C ASP C 286 18.89 -10.46 -28.52
N LYS C 287 18.73 -11.15 -27.39
CA LYS C 287 18.49 -12.59 -27.35
C LYS C 287 17.22 -12.88 -26.52
N ALA C 288 16.22 -13.45 -27.20
CA ALA C 288 14.86 -13.64 -26.69
C ALA C 288 14.77 -14.53 -25.45
N SER C 289 15.47 -15.69 -25.45
CA SER C 289 15.27 -16.69 -24.40
C SER C 289 16.59 -16.93 -23.70
N VAL C 290 16.48 -16.95 -22.37
CA VAL C 290 17.67 -17.09 -21.54
C VAL C 290 18.23 -18.49 -21.67
N PHE C 291 17.45 -19.44 -22.21
CA PHE C 291 18.00 -20.75 -22.57
C PHE C 291 19.10 -20.67 -23.62
N ASP C 292 19.24 -19.52 -24.30
CA ASP C 292 20.33 -19.33 -25.24
C ASP C 292 21.42 -18.37 -24.72
N PHE C 293 21.35 -17.97 -23.43
CA PHE C 293 22.32 -17.08 -22.77
C PHE C 293 23.63 -17.81 -22.45
N ASP C 294 24.78 -17.14 -22.67
CA ASP C 294 26.05 -17.59 -22.12
C ASP C 294 26.64 -16.47 -21.27
N MET C 295 27.94 -16.63 -20.92
CA MET C 295 28.61 -15.75 -19.95
C MET C 295 28.57 -14.29 -20.43
N GLU C 296 28.83 -14.06 -21.72
CA GLU C 296 28.92 -12.72 -22.29
C GLU C 296 27.56 -12.02 -22.27
N ASP C 297 26.48 -12.72 -21.86
CA ASP C 297 25.16 -12.16 -22.06
C ASP C 297 24.68 -11.51 -20.75
N ILE C 298 25.50 -11.63 -19.72
CA ILE C 298 25.09 -11.22 -18.39
C ILE C 298 26.26 -10.43 -17.80
N LYS C 299 26.03 -9.16 -17.40
CA LYS C 299 27.13 -8.31 -16.93
C LYS C 299 26.61 -7.42 -15.79
N VAL C 300 27.56 -7.02 -14.93
CA VAL C 300 27.29 -6.07 -13.86
C VAL C 300 28.01 -4.75 -14.16
N GLU C 301 27.30 -3.61 -14.06
CA GLU C 301 27.88 -2.29 -14.24
C GLU C 301 28.08 -1.59 -12.90
N GLY C 302 29.20 -0.89 -12.78
CA GLY C 302 29.41 -0.11 -11.58
C GLY C 302 29.65 -0.95 -10.32
N TYR C 303 30.31 -2.08 -10.44
CA TYR C 303 30.67 -2.80 -9.22
C TYR C 303 31.99 -2.28 -8.65
N ASP C 304 31.95 -1.82 -7.40
CA ASP C 304 33.09 -1.14 -6.76
C ASP C 304 33.28 -1.63 -5.31
N PRO C 305 33.62 -2.93 -5.09
CA PRO C 305 33.62 -3.47 -3.73
C PRO C 305 34.91 -3.11 -2.97
N HIS C 306 34.83 -3.18 -1.64
CA HIS C 306 36.00 -3.31 -0.78
C HIS C 306 36.75 -4.61 -1.09
N PRO C 307 38.03 -4.79 -0.66
CA PRO C 307 38.79 -6.00 -1.00
C PRO C 307 38.27 -7.36 -0.49
N THR C 308 38.65 -8.44 -1.20
CA THR C 308 38.37 -9.80 -0.79
C THR C 308 38.79 -10.02 0.65
N ILE C 309 37.87 -10.59 1.47
CA ILE C 309 38.33 -11.16 2.73
C ILE C 309 38.38 -12.68 2.63
N LYS C 310 39.61 -13.24 2.79
CA LYS C 310 39.84 -14.68 2.77
C LYS C 310 39.46 -15.33 4.10
N ALA C 311 38.90 -16.55 4.03
CA ALA C 311 38.51 -17.35 5.19
C ALA C 311 38.42 -18.83 4.82
N PRO C 312 38.74 -19.76 5.76
CA PRO C 312 38.76 -21.19 5.47
C PRO C 312 37.39 -21.83 5.23
N ILE C 313 37.35 -22.87 4.39
CA ILE C 313 36.13 -23.61 4.14
C ILE C 313 36.09 -24.86 5.04
N MET D 1 3.93 -13.42 19.99
CA MET D 1 2.69 -13.10 20.73
C MET D 1 1.52 -12.97 19.72
N GLU D 2 0.31 -12.74 20.24
CA GLU D 2 -0.91 -12.60 19.41
C GLU D 2 -0.85 -11.29 18.62
N GLU D 3 -0.16 -10.28 19.17
CA GLU D 3 -0.02 -8.97 18.50
C GLU D 3 0.63 -9.17 17.12
N ALA D 4 1.55 -10.14 17.00
CA ALA D 4 2.21 -10.41 15.72
C ALA D 4 1.26 -10.90 14.63
N TYR D 5 0.27 -11.72 15.03
CA TYR D 5 -0.78 -12.15 14.05
C TYR D 5 -1.66 -10.95 13.72
N LEU D 6 -2.06 -10.18 14.71
CA LEU D 6 -2.91 -8.99 14.42
C LEU D 6 -2.22 -7.93 13.54
N ALA D 7 -0.88 -7.73 13.71
CA ALA D 7 -0.14 -6.81 12.85
C ALA D 7 -0.09 -7.26 11.37
N LEU D 8 0.02 -8.60 11.11
CA LEU D 8 -0.09 -9.10 9.74
C LEU D 8 -1.46 -8.68 9.15
N GLY D 9 -2.58 -8.94 9.83
CA GLY D 9 -3.93 -8.59 9.27
C GLY D 9 -4.05 -7.08 9.01
N LYS D 10 -3.55 -6.27 9.96
CA LYS D 10 -3.55 -4.80 9.75
C LYS D 10 -2.67 -4.35 8.55
N LYS D 11 -1.47 -4.95 8.36
CA LYS D 11 -0.64 -4.60 7.20
C LYS D 11 -1.39 -4.95 5.88
N ILE D 12 -2.01 -6.10 5.80
CA ILE D 12 -2.77 -6.46 4.58
C ILE D 12 -3.89 -5.45 4.30
N LEU D 13 -4.65 -5.12 5.35
CA LEU D 13 -5.72 -4.12 5.18
C LEU D 13 -5.18 -2.80 4.61
N GLU D 14 -4.04 -2.37 5.12
CA GLU D 14 -3.52 -1.06 4.69
C GLU D 14 -2.87 -1.09 3.30
N GLU D 15 -2.06 -2.10 2.98
CA GLU D 15 -1.33 -2.01 1.69
C GLU D 15 -1.48 -3.24 0.80
N GLY D 16 -2.08 -4.33 1.27
CA GLY D 16 -2.16 -5.48 0.37
C GLY D 16 -2.86 -5.12 -0.94
N HIS D 17 -2.18 -5.28 -2.08
CA HIS D 17 -2.89 -5.01 -3.36
C HIS D 17 -3.89 -6.11 -3.69
N PHE D 18 -4.87 -5.71 -4.56
CA PHE D 18 -5.97 -6.62 -4.93
C PHE D 18 -5.47 -7.65 -5.92
N LYS D 19 -5.90 -8.87 -5.71
CA LYS D 19 -5.28 -9.95 -6.47
C LYS D 19 -6.41 -10.92 -6.74
N GLU D 20 -6.66 -11.18 -8.02
CA GLU D 20 -7.67 -12.13 -8.40
C GLU D 20 -7.18 -13.50 -7.89
N ASP D 21 -8.08 -14.46 -7.58
CA ASP D 21 -7.55 -15.78 -7.13
C ASP D 21 -8.35 -16.97 -7.69
N ARG D 22 -7.78 -18.19 -7.52
CA ARG D 22 -8.37 -19.40 -8.06
C ARG D 22 -9.86 -19.62 -7.68
N THR D 23 -10.26 -19.24 -6.45
CA THR D 23 -11.63 -19.46 -5.99
C THR D 23 -12.64 -18.52 -6.61
N GLY D 24 -12.19 -17.45 -7.24
CA GLY D 24 -13.18 -16.50 -7.69
C GLY D 24 -13.64 -15.47 -6.66
N THR D 25 -13.08 -15.45 -5.44
CA THR D 25 -13.56 -14.53 -4.40
C THR D 25 -12.92 -13.15 -4.53
N GLY D 26 -11.62 -13.12 -4.87
CA GLY D 26 -10.85 -11.86 -4.79
C GLY D 26 -10.18 -11.71 -3.39
N THR D 27 -8.90 -11.32 -3.34
CA THR D 27 -8.12 -11.17 -2.11
C THR D 27 -7.29 -9.87 -2.12
N TYR D 28 -6.90 -9.42 -0.94
CA TYR D 28 -5.83 -8.45 -0.78
C TYR D 28 -4.62 -9.24 -0.27
N SER D 29 -3.42 -8.94 -0.80
CA SER D 29 -2.32 -9.94 -0.71
C SER D 29 -0.95 -9.29 -0.55
N LEU D 30 -0.05 -9.83 0.33
CA LEU D 30 1.37 -9.50 0.39
CA LEU D 30 1.36 -9.50 0.25
C LEU D 30 2.20 -10.77 0.16
N PHE D 31 3.47 -10.63 -0.20
CA PHE D 31 4.34 -11.79 -0.44
C PHE D 31 5.54 -11.72 0.52
N GLY D 32 5.71 -12.81 1.31
CA GLY D 32 6.90 -12.89 2.18
C GLY D 32 6.69 -12.19 3.53
N TYR D 33 6.53 -13.03 4.56
CA TYR D 33 6.35 -12.50 5.93
C TYR D 33 6.79 -13.57 6.94
N GLN D 34 7.14 -13.15 8.16
CA GLN D 34 7.61 -14.14 9.15
C GLN D 34 7.13 -13.70 10.56
N MET D 35 6.44 -14.61 11.28
CA MET D 35 6.06 -14.35 12.69
C MET D 35 6.72 -15.35 13.63
N ARG D 36 6.95 -14.94 14.88
CA ARG D 36 7.45 -15.96 15.83
C ARG D 36 6.51 -16.04 17.06
N PHE D 37 6.36 -17.27 17.63
CA PHE D 37 5.64 -17.47 18.89
C PHE D 37 6.59 -18.18 19.86
N ASP D 38 6.87 -17.61 21.07
CA ASP D 38 7.66 -18.31 22.08
C ASP D 38 6.69 -19.24 22.89
N LEU D 39 6.77 -20.57 22.63
CA LEU D 39 5.78 -21.51 23.24
C LEU D 39 5.87 -21.58 24.78
N ALA D 40 6.98 -21.11 25.37
CA ALA D 40 7.01 -20.97 26.85
C ALA D 40 6.13 -19.83 27.44
N LYS D 41 5.57 -18.92 26.58
CA LYS D 41 4.73 -17.82 27.08
CA LYS D 41 4.73 -17.80 26.99
C LYS D 41 3.25 -18.17 27.00
N GLY D 42 2.96 -19.38 26.50
CA GLY D 42 1.58 -19.76 26.47
C GLY D 42 1.25 -20.50 25.17
N PHE D 43 0.17 -21.29 25.14
CA PHE D 43 -0.25 -22.02 23.90
C PHE D 43 -0.88 -21.00 22.94
N PRO D 44 -0.43 -20.87 21.67
CA PRO D 44 -0.93 -19.78 20.80
C PRO D 44 -2.30 -20.03 20.18
N LEU D 45 -3.35 -20.26 21.01
CA LEU D 45 -4.76 -20.29 20.50
C LEU D 45 -5.40 -18.86 20.67
N LEU D 46 -5.78 -18.19 19.56
CA LEU D 46 -6.03 -16.72 19.62
C LEU D 46 -7.16 -16.38 20.62
N THR D 47 -7.04 -15.23 21.31
CA THR D 47 -8.04 -14.84 22.29
C THR D 47 -8.95 -13.71 21.76
N THR D 48 -8.60 -13.07 20.69
CA THR D 48 -9.37 -11.91 20.16
C THR D 48 -10.58 -12.40 19.33
N LYS D 49 -10.67 -13.73 19.17
CA LYS D 49 -11.91 -14.38 18.72
C LYS D 49 -11.86 -15.85 19.15
N ARG D 50 -13.01 -16.52 19.37
CA ARG D 50 -12.94 -17.91 19.85
C ARG D 50 -12.55 -18.83 18.68
N VAL D 51 -11.51 -19.66 18.86
CA VAL D 51 -11.04 -20.61 17.87
C VAL D 51 -11.36 -21.98 18.48
N PRO D 52 -12.02 -22.92 17.78
CA PRO D 52 -12.40 -24.21 18.40
C PRO D 52 -11.25 -25.25 18.41
N PHE D 53 -10.79 -25.54 19.62
CA PHE D 53 -9.60 -26.40 19.74
C PHE D 53 -9.93 -27.86 19.36
N GLY D 54 -11.19 -28.26 19.58
CA GLY D 54 -11.45 -29.67 19.30
C GLY D 54 -11.29 -30.02 17.78
N LEU D 55 -11.57 -29.03 16.89
CA LEU D 55 -11.47 -29.25 15.44
C LEU D 55 -9.95 -29.21 15.06
N ILE D 56 -9.12 -28.40 15.78
CA ILE D 56 -7.68 -28.40 15.41
C ILE D 56 -7.13 -29.80 15.85
N LYS D 57 -7.62 -30.31 17.00
CA LYS D 57 -7.13 -31.59 17.57
C LYS D 57 -7.39 -32.73 16.60
N SER D 58 -8.66 -32.86 16.22
CA SER D 58 -9.08 -33.99 15.38
C SER D 58 -8.45 -33.89 14.00
N GLU D 59 -8.31 -32.65 13.45
CA GLU D 59 -7.57 -32.55 12.19
C GLU D 59 -6.07 -33.01 12.31
N LEU D 60 -5.33 -32.62 13.39
CA LEU D 60 -3.93 -33.08 13.52
C LEU D 60 -3.86 -34.62 13.77
N LEU D 61 -4.77 -35.18 14.56
CA LEU D 61 -4.66 -36.65 14.78
C LEU D 61 -4.93 -37.38 13.48
N TRP D 62 -5.82 -36.86 12.65
CA TRP D 62 -6.11 -37.37 11.31
C TRP D 62 -4.84 -37.40 10.44
N PHE D 63 -4.17 -36.25 10.36
CA PHE D 63 -2.86 -36.22 9.69
C PHE D 63 -1.83 -37.23 10.27
N LEU D 64 -1.66 -37.23 11.62
CA LEU D 64 -0.74 -38.16 12.27
C LEU D 64 -0.96 -39.65 11.98
N LYS D 65 -2.22 -40.11 11.84
CA LYS D 65 -2.50 -41.52 11.60
C LYS D 65 -2.39 -41.86 10.10
N GLY D 66 -2.07 -40.88 9.27
CA GLY D 66 -1.89 -41.12 7.81
C GLY D 66 -3.17 -41.15 6.97
N ASP D 67 -4.29 -40.64 7.52
CA ASP D 67 -5.61 -40.79 6.87
C ASP D 67 -5.94 -39.61 5.96
N THR D 68 -6.51 -39.92 4.77
CA THR D 68 -6.81 -38.86 3.81
C THR D 68 -8.28 -38.93 3.40
N ASN D 69 -9.13 -39.61 4.18
CA ASN D 69 -10.56 -39.73 3.91
C ASN D 69 -11.37 -39.03 5.05
N ILE D 70 -12.35 -38.18 4.73
CA ILE D 70 -12.96 -37.31 5.74
C ILE D 70 -13.95 -38.09 6.62
N ARG D 71 -14.08 -39.40 6.43
CA ARG D 71 -15.01 -40.10 7.39
C ARG D 71 -14.60 -39.99 8.89
N TYR D 72 -13.28 -40.07 9.18
CA TYR D 72 -12.79 -40.02 10.55
C TYR D 72 -13.18 -38.63 11.12
N LEU D 73 -13.05 -37.55 10.30
CA LEU D 73 -13.42 -36.21 10.72
C LEU D 73 -14.92 -36.06 11.03
N LEU D 74 -15.78 -36.59 10.14
CA LEU D 74 -17.23 -36.54 10.35
C LEU D 74 -17.62 -37.29 11.63
N GLU D 75 -16.96 -38.40 11.94
CA GLU D 75 -17.33 -39.17 13.15
C GLU D 75 -17.00 -38.33 14.38
N ARG D 76 -16.12 -37.28 14.23
CA ARG D 76 -15.88 -36.35 15.33
C ARG D 76 -16.49 -34.95 15.11
N ASN D 77 -17.55 -34.88 14.30
CA ASN D 77 -18.29 -33.62 14.08
C ASN D 77 -17.35 -32.53 13.59
N ASN D 78 -16.32 -32.91 12.78
CA ASN D 78 -15.39 -31.94 12.20
C ASN D 78 -15.67 -31.82 10.70
N HIS D 79 -16.23 -30.66 10.24
CA HIS D 79 -16.68 -30.53 8.85
C HIS D 79 -15.76 -29.60 8.04
N ILE D 80 -14.61 -29.20 8.63
CA ILE D 80 -13.75 -28.23 7.88
C ILE D 80 -13.14 -28.68 6.53
N TRP D 81 -13.17 -30.01 6.20
CA TRP D 81 -12.64 -30.42 4.90
C TRP D 81 -13.83 -30.82 3.97
N ASP D 82 -15.08 -30.64 4.37
CA ASP D 82 -16.17 -31.23 3.58
C ASP D 82 -16.32 -30.65 2.20
N GLU D 83 -16.05 -29.31 2.01
CA GLU D 83 -16.47 -28.73 0.73
C GLU D 83 -15.70 -29.33 -0.47
N TRP D 84 -14.40 -29.68 -0.22
CA TRP D 84 -13.60 -30.19 -1.37
C TRP D 84 -14.01 -31.62 -1.78
N ALA D 85 -14.40 -32.46 -0.82
CA ALA D 85 -14.95 -33.78 -1.11
C ALA D 85 -16.36 -33.66 -1.76
N PHE D 86 -17.22 -32.73 -1.24
CA PHE D 86 -18.54 -32.53 -1.84
C PHE D 86 -18.37 -32.11 -3.29
N GLU D 87 -17.42 -31.18 -3.56
CA GLU D 87 -17.23 -30.72 -4.94
C GLU D 87 -16.86 -31.90 -5.90
N ARG D 88 -16.00 -32.80 -5.43
CA ARG D 88 -15.65 -34.02 -6.21
C ARG D 88 -16.94 -34.79 -6.52
N TYR D 89 -17.73 -35.13 -5.49
CA TYR D 89 -19.01 -35.87 -5.67
C TYR D 89 -19.98 -35.18 -6.64
N VAL D 90 -20.19 -33.85 -6.52
CA VAL D 90 -21.22 -33.24 -7.38
C VAL D 90 -20.76 -33.12 -8.83
N LYS D 91 -19.42 -33.20 -9.08
CA LYS D 91 -18.93 -33.24 -10.46
C LYS D 91 -18.98 -34.68 -10.99
N SER D 92 -19.22 -35.71 -10.16
CA SER D 92 -19.17 -37.08 -10.68
C SER D 92 -20.47 -37.49 -11.42
N ALA D 93 -20.43 -38.67 -12.10
CA ALA D 93 -21.60 -39.17 -12.83
C ALA D 93 -22.66 -39.73 -11.88
N ASP D 94 -22.35 -39.87 -10.55
CA ASP D 94 -23.31 -40.47 -9.60
C ASP D 94 -24.28 -39.44 -8.95
N TYR D 95 -23.96 -38.15 -9.01
CA TYR D 95 -24.77 -37.15 -8.34
C TYR D 95 -26.02 -36.85 -9.18
N GLN D 96 -27.19 -36.99 -8.58
CA GLN D 96 -28.43 -36.72 -9.30
C GLN D 96 -29.22 -35.56 -8.67
N GLY D 97 -28.62 -34.68 -7.92
CA GLY D 97 -29.49 -33.66 -7.35
C GLY D 97 -29.46 -32.36 -8.15
N PRO D 98 -29.99 -31.24 -7.59
CA PRO D 98 -29.96 -29.93 -8.27
C PRO D 98 -28.55 -29.47 -8.58
N ASP D 99 -28.40 -28.63 -9.60
CA ASP D 99 -27.08 -28.30 -10.12
C ASP D 99 -26.34 -27.54 -9.01
N MET D 100 -25.07 -27.90 -8.77
CA MET D 100 -24.30 -27.30 -7.65
C MET D 100 -23.09 -26.57 -8.23
N THR D 101 -23.19 -26.14 -9.51
CA THR D 101 -22.15 -25.28 -10.08
C THR D 101 -21.91 -24.01 -9.26
N ASP D 102 -20.61 -23.69 -8.95
CA ASP D 102 -20.25 -22.47 -8.23
C ASP D 102 -20.91 -22.37 -6.85
N PHE D 103 -21.20 -23.50 -6.17
CA PHE D 103 -22.05 -23.45 -4.98
C PHE D 103 -21.45 -22.55 -3.84
N GLY D 104 -20.16 -22.40 -3.81
CA GLY D 104 -19.45 -21.66 -2.76
C GLY D 104 -19.70 -20.16 -2.83
N HIS D 105 -19.96 -19.62 -4.03
CA HIS D 105 -20.46 -18.24 -4.09
C HIS D 105 -22.01 -18.14 -4.02
N ARG D 106 -22.69 -19.05 -4.69
CA ARG D 106 -24.14 -18.93 -4.83
C ARG D 106 -24.87 -19.00 -3.48
N VAL D 107 -24.36 -19.75 -2.48
CA VAL D 107 -25.03 -19.84 -1.18
C VAL D 107 -25.07 -18.48 -0.49
N LEU D 108 -24.13 -17.55 -0.82
CA LEU D 108 -24.07 -16.21 -0.23
C LEU D 108 -25.09 -15.25 -0.85
N GLN D 109 -25.59 -15.55 -2.04
CA GLN D 109 -26.33 -14.59 -2.86
C GLN D 109 -27.77 -15.02 -3.18
N ASP D 110 -28.21 -16.22 -2.77
CA ASP D 110 -29.47 -16.79 -3.23
C ASP D 110 -30.04 -17.70 -2.13
N PRO D 111 -31.02 -17.23 -1.31
CA PRO D 111 -31.59 -18.07 -0.24
C PRO D 111 -32.18 -19.42 -0.67
N ALA D 112 -32.91 -19.47 -1.79
CA ALA D 112 -33.46 -20.75 -2.24
C ALA D 112 -32.37 -21.78 -2.53
N PHE D 113 -31.30 -21.29 -3.20
CA PHE D 113 -30.12 -22.12 -3.51
C PHE D 113 -29.48 -22.60 -2.20
N ALA D 114 -29.34 -21.67 -1.22
CA ALA D 114 -28.65 -21.99 0.03
C ALA D 114 -29.36 -23.13 0.74
N GLU D 115 -30.69 -23.19 0.66
CA GLU D 115 -31.41 -24.30 1.28
C GLU D 115 -31.24 -25.61 0.48
N GLN D 116 -31.14 -25.56 -0.86
CA GLN D 116 -30.82 -26.81 -1.59
C GLN D 116 -29.44 -27.36 -1.23
N TYR D 117 -28.44 -26.46 -1.12
CA TYR D 117 -27.10 -26.87 -0.76
C TYR D 117 -27.15 -27.55 0.59
N LYS D 118 -27.91 -26.96 1.54
CA LYS D 118 -27.90 -27.48 2.90
C LYS D 118 -28.45 -28.90 2.90
N GLU D 119 -29.47 -29.14 2.07
CA GLU D 119 -30.12 -30.44 1.97
C GLU D 119 -29.17 -31.49 1.35
N GLU D 120 -28.49 -31.11 0.26
CA GLU D 120 -27.59 -32.05 -0.45
C GLU D 120 -26.34 -32.38 0.38
N HIS D 121 -25.83 -31.36 1.07
CA HIS D 121 -24.63 -31.51 1.93
C HIS D 121 -25.01 -32.46 3.08
N GLN D 122 -26.25 -32.34 3.66
CA GLN D 122 -26.71 -33.29 4.67
C GLN D 122 -26.74 -34.72 4.12
N LYS D 123 -27.38 -34.94 2.94
CA LYS D 123 -27.42 -36.28 2.40
C LYS D 123 -26.02 -36.87 2.19
N PHE D 124 -25.08 -35.99 1.77
CA PHE D 124 -23.68 -36.37 1.52
C PHE D 124 -22.99 -36.83 2.82
N CYS D 125 -23.06 -36.01 3.89
CA CYS D 125 -22.52 -36.41 5.17
C CYS D 125 -23.11 -37.74 5.69
N ASP D 126 -24.44 -37.90 5.60
CA ASP D 126 -25.05 -39.16 6.06
C ASP D 126 -24.51 -40.40 5.31
N ALA D 127 -24.38 -40.28 3.99
CA ALA D 127 -23.88 -41.37 3.14
C ALA D 127 -22.43 -41.71 3.47
N ILE D 128 -21.54 -40.72 3.64
CA ILE D 128 -20.19 -41.06 4.07
C ILE D 128 -20.22 -41.81 5.41
N LEU D 129 -21.06 -41.39 6.38
CA LEU D 129 -21.04 -42.01 7.70
C LEU D 129 -21.62 -43.44 7.69
N ASN D 130 -22.53 -43.73 6.76
CA ASN D 130 -23.33 -44.95 6.91
C ASN D 130 -23.10 -45.97 5.79
N ASP D 131 -22.59 -45.55 4.62
CA ASP D 131 -22.40 -46.43 3.47
C ASP D 131 -20.91 -46.57 3.18
N ALA D 132 -20.31 -47.74 3.43
CA ALA D 132 -18.84 -47.84 3.41
C ALA D 132 -18.29 -47.77 1.99
N GLU D 133 -19.04 -48.24 0.98
CA GLU D 133 -18.63 -48.11 -0.41
C GLU D 133 -18.64 -46.64 -0.84
N PHE D 134 -19.67 -45.89 -0.43
CA PHE D 134 -19.76 -44.47 -0.78
C PHE D 134 -18.60 -43.66 -0.13
N ALA D 135 -18.32 -44.00 1.13
CA ALA D 135 -17.25 -43.32 1.84
C ALA D 135 -15.91 -43.56 1.13
N GLU D 136 -15.68 -44.81 0.73
CA GLU D 136 -14.38 -45.16 0.17
C GLU D 136 -14.15 -44.37 -1.10
N LYS D 137 -15.21 -44.21 -1.91
CA LYS D 137 -15.11 -43.48 -3.17
C LYS D 137 -15.12 -41.96 -2.94
N TYR D 138 -16.13 -41.44 -2.23
CA TYR D 138 -16.29 -39.99 -2.19
C TYR D 138 -15.81 -39.27 -0.92
N GLY D 139 -15.28 -39.99 0.06
CA GLY D 139 -14.65 -39.36 1.23
C GLY D 139 -13.18 -38.96 0.94
N GLU D 140 -12.65 -39.40 -0.20
CA GLU D 140 -11.18 -39.44 -0.45
C GLU D 140 -10.73 -38.10 -0.99
N LEU D 141 -9.63 -37.54 -0.41
CA LEU D 141 -9.11 -36.30 -0.95
C LEU D 141 -7.77 -36.46 -1.71
N GLY D 142 -7.29 -37.69 -1.92
CA GLY D 142 -6.00 -37.90 -2.65
C GLY D 142 -4.84 -37.82 -1.63
N ASN D 143 -3.55 -37.78 -2.10
CA ASN D 143 -2.42 -37.98 -1.21
C ASN D 143 -2.01 -36.62 -0.59
N ILE D 144 -2.88 -36.06 0.26
CA ILE D 144 -2.64 -34.81 1.00
C ILE D 144 -1.83 -35.19 2.25
N TYR D 145 -1.78 -34.26 3.12
CA TYR D 145 -0.94 -34.28 4.35
C TYR D 145 -0.68 -35.68 4.92
N GLY D 146 -1.67 -36.38 5.41
CA GLY D 146 -1.52 -37.66 6.09
C GLY D 146 -0.71 -38.65 5.25
N ALA D 147 -0.97 -38.68 3.93
CA ALA D 147 -0.29 -39.66 3.10
C ALA D 147 1.18 -39.32 2.92
N GLN D 148 1.50 -37.97 2.83
CA GLN D 148 2.92 -37.63 2.61
C GLN D 148 3.74 -37.71 3.90
N TRP D 149 3.11 -37.41 5.04
CA TRP D 149 3.83 -37.49 6.31
C TRP D 149 4.17 -38.95 6.66
N ARG D 150 3.25 -39.86 6.42
CA ARG D 150 3.37 -41.24 6.93
C ARG D 150 3.73 -42.25 5.83
N HIS D 151 3.55 -41.89 4.55
CA HIS D 151 3.52 -42.96 3.51
C HIS D 151 3.91 -42.35 2.14
N TRP D 152 5.00 -41.56 2.10
CA TRP D 152 5.49 -41.05 0.80
C TRP D 152 5.89 -42.21 -0.09
N GLU D 153 5.21 -42.40 -1.27
CA GLU D 153 5.44 -43.64 -1.98
C GLU D 153 6.76 -43.63 -2.77
N THR D 154 7.49 -44.76 -2.80
CA THR D 154 8.83 -44.82 -3.47
C THR D 154 8.72 -45.31 -4.91
N LYS D 155 9.84 -45.21 -5.69
CA LYS D 155 9.80 -45.66 -7.10
C LYS D 155 9.90 -47.19 -7.18
N ASP D 156 10.16 -47.82 -6.04
CA ASP D 156 10.44 -49.26 -6.06
C ASP D 156 9.49 -50.09 -5.19
N GLY D 157 8.24 -49.62 -5.04
CA GLY D 157 7.13 -50.38 -4.48
C GLY D 157 7.08 -50.36 -2.95
N SER D 158 7.56 -49.28 -2.31
CA SER D 158 7.52 -49.16 -0.84
C SER D 158 7.06 -47.74 -0.46
N PHE D 159 7.28 -47.30 0.79
CA PHE D 159 6.84 -45.94 1.19
C PHE D 159 7.81 -45.50 2.31
N ILE D 160 7.98 -44.19 2.53
CA ILE D 160 8.85 -43.63 3.55
C ILE D 160 7.95 -43.02 4.62
N ASP D 161 8.23 -43.39 5.88
CA ASP D 161 7.47 -42.82 7.00
C ASP D 161 8.21 -41.54 7.45
N GLN D 162 8.07 -40.50 6.62
CA GLN D 162 8.74 -39.18 6.79
C GLN D 162 8.70 -38.65 8.23
N LEU D 163 7.51 -38.57 8.85
CA LEU D 163 7.44 -37.96 10.15
C LEU D 163 8.06 -38.86 11.26
N ALA D 164 7.82 -40.18 11.25
CA ALA D 164 8.44 -41.01 12.28
C ALA D 164 9.97 -40.92 12.20
N ASN D 165 10.48 -40.88 10.97
CA ASN D 165 11.94 -40.71 10.73
C ASN D 165 12.52 -39.45 11.35
N VAL D 166 11.80 -38.30 11.21
CA VAL D 166 12.36 -37.03 11.72
C VAL D 166 12.36 -37.05 13.26
N ILE D 167 11.28 -37.60 13.86
CA ILE D 167 11.20 -37.73 15.33
C ILE D 167 12.37 -38.58 15.86
N GLU D 168 12.69 -39.69 15.17
CA GLU D 168 13.79 -40.50 15.63
C GLU D 168 15.14 -39.77 15.50
N MET D 169 15.29 -39.00 14.42
CA MET D 169 16.50 -38.22 14.15
CA MET D 169 16.54 -38.26 14.20
C MET D 169 16.74 -37.16 15.26
N ILE D 170 15.65 -36.47 15.70
CA ILE D 170 15.74 -35.57 16.86
C ILE D 170 16.39 -36.23 18.08
N LYS D 171 16.03 -37.47 18.34
CA LYS D 171 16.49 -38.22 19.54
C LYS D 171 18.00 -38.48 19.48
N THR D 172 18.56 -38.86 18.32
CA THR D 172 19.94 -39.32 18.30
C THR D 172 20.88 -38.37 17.56
N ASN D 173 20.31 -37.43 16.78
CA ASN D 173 21.13 -36.47 16.06
C ASN D 173 20.52 -35.06 16.16
N PRO D 174 20.37 -34.50 17.38
CA PRO D 174 19.56 -33.26 17.52
C PRO D 174 20.23 -32.03 16.89
N ASP D 175 21.53 -32.11 16.59
CA ASP D 175 22.10 -30.94 15.91
C ASP D 175 22.01 -31.00 14.38
N SER D 176 21.37 -32.04 13.85
CA SER D 176 21.15 -32.09 12.41
C SER D 176 20.55 -30.80 11.82
N ARG D 177 21.01 -30.47 10.61
CA ARG D 177 20.43 -29.34 9.83
C ARG D 177 19.54 -29.95 8.73
N ARG D 178 19.10 -31.21 8.90
CA ARG D 178 18.26 -31.83 7.86
C ARG D 178 16.96 -32.42 8.47
N LEU D 179 16.46 -31.84 9.63
CA LEU D 179 15.29 -32.41 10.31
C LEU D 179 14.00 -31.87 9.61
N ILE D 180 13.70 -32.37 8.39
CA ILE D 180 12.70 -31.74 7.51
CA ILE D 180 12.70 -31.75 7.51
C ILE D 180 11.63 -32.78 7.11
N VAL D 181 10.37 -32.30 7.03
CA VAL D 181 9.25 -33.03 6.47
C VAL D 181 8.64 -32.20 5.35
N SER D 182 8.48 -32.80 4.13
CA SER D 182 7.82 -32.00 3.08
C SER D 182 6.53 -32.70 2.61
N ALA D 183 5.48 -31.88 2.41
CA ALA D 183 4.32 -32.50 1.83
C ALA D 183 4.25 -32.18 0.33
N TRP D 184 5.24 -31.43 -0.20
CA TRP D 184 5.18 -31.14 -1.63
C TRP D 184 5.73 -32.29 -2.49
N ASN D 185 4.81 -33.10 -3.05
CA ASN D 185 5.22 -34.33 -3.78
C ASN D 185 4.81 -34.10 -5.24
N PRO D 186 5.74 -33.66 -6.14
CA PRO D 186 5.31 -33.20 -7.47
C PRO D 186 4.46 -34.21 -8.26
N GLU D 187 4.75 -35.50 -8.05
CA GLU D 187 4.06 -36.60 -8.77
C GLU D 187 2.62 -36.79 -8.27
N ASP D 188 2.31 -36.32 -7.06
CA ASP D 188 0.96 -36.48 -6.47
C ASP D 188 0.14 -35.19 -6.51
N VAL D 189 0.79 -34.02 -6.64
CA VAL D 189 0.12 -32.70 -6.61
C VAL D 189 -1.12 -32.66 -7.50
N PRO D 190 -1.10 -33.12 -8.77
CA PRO D 190 -2.28 -32.98 -9.63
C PRO D 190 -3.56 -33.71 -9.18
N SER D 191 -3.40 -34.80 -8.39
CA SER D 191 -4.53 -35.60 -7.96
C SER D 191 -4.95 -35.29 -6.51
N MET D 192 -4.31 -34.32 -5.85
CA MET D 192 -4.68 -33.93 -4.47
C MET D 192 -5.92 -33.05 -4.63
N ALA D 193 -6.85 -33.05 -3.69
CA ALA D 193 -7.98 -32.09 -3.75
C ALA D 193 -7.49 -30.62 -3.76
N LEU D 194 -6.51 -30.32 -2.90
CA LEU D 194 -5.71 -29.07 -3.01
C LEU D 194 -4.25 -29.48 -2.75
N PRO D 195 -3.25 -28.81 -3.39
CA PRO D 195 -1.83 -28.98 -2.99
C PRO D 195 -1.61 -28.34 -1.64
N PRO D 196 -0.58 -28.79 -0.86
CA PRO D 196 -0.46 -28.41 0.57
C PRO D 196 -0.25 -26.90 0.72
N HIS D 198 0.15 -25.45 3.83
CA HIS D 198 1.26 -25.48 4.80
C HIS D 198 2.24 -26.54 4.27
N THR D 199 3.40 -26.11 3.74
CA THR D 199 4.00 -26.85 2.63
C THR D 199 5.17 -27.73 3.10
N MET D 200 6.03 -27.19 3.95
CA MET D 200 7.21 -27.98 4.41
C MET D 200 7.63 -27.44 5.77
N PHE D 201 8.22 -28.29 6.62
CA PHE D 201 8.62 -27.76 7.93
C PHE D 201 9.91 -28.40 8.40
N GLN D 202 10.60 -27.72 9.35
CA GLN D 202 11.98 -28.08 9.80
C GLN D 202 12.07 -27.88 11.33
N PHE D 203 12.74 -28.84 12.02
CA PHE D 203 12.97 -28.63 13.46
CA PHE D 203 12.98 -28.66 13.45
C PHE D 203 14.42 -28.25 13.75
N TYR D 204 14.67 -27.85 15.00
CA TYR D 204 16.01 -27.37 15.47
C TYR D 204 16.09 -27.57 17.00
N VAL D 205 17.28 -27.92 17.49
CA VAL D 205 17.42 -28.14 18.95
C VAL D 205 18.59 -27.33 19.49
N ASN D 206 18.34 -26.60 20.57
CA ASN D 206 19.40 -25.87 21.29
CA ASN D 206 19.48 -26.09 21.32
C ASN D 206 19.15 -25.95 22.80
N GLU D 207 20.18 -26.23 23.60
CA GLU D 207 19.97 -26.06 25.05
C GLU D 207 18.70 -26.79 25.56
N GLY D 208 18.40 -27.97 25.04
CA GLY D 208 17.32 -28.77 25.63
C GLY D 208 15.96 -28.33 25.11
N LYS D 209 15.90 -27.38 24.13
CA LYS D 209 14.59 -26.87 23.63
C LYS D 209 14.34 -27.22 22.18
N LEU D 210 13.07 -27.60 21.83
CA LEU D 210 12.79 -27.90 20.42
C LEU D 210 12.04 -26.74 19.75
N SER D 211 12.52 -26.28 18.60
CA SER D 211 11.86 -25.25 17.81
C SER D 211 11.43 -25.83 16.48
N CYS D 212 10.41 -25.18 15.84
CA CYS D 212 9.92 -25.64 14.53
C CYS D 212 9.73 -24.42 13.65
N GLN D 213 10.15 -24.52 12.34
CA GLN D 213 9.80 -23.47 11.38
C GLN D 213 8.90 -24.06 10.28
N LEU D 214 7.74 -23.41 9.97
CA LEU D 214 6.91 -23.90 8.87
C LEU D 214 7.07 -22.96 7.67
N TYR D 215 7.08 -23.47 6.38
CA TYR D 215 7.02 -22.63 5.17
C TYR D 215 5.65 -22.85 4.54
N GLN D 216 4.83 -21.79 4.55
CA GLN D 216 3.39 -21.88 4.16
C GLN D 216 3.17 -21.13 2.84
N ARG D 217 3.06 -21.88 1.71
CA ARG D 217 3.03 -21.20 0.39
C ARG D 217 1.85 -20.26 0.24
N SER D 218 0.74 -20.54 0.97
CA SER D 218 -0.55 -19.92 0.69
C SER D 218 -1.32 -19.85 2.04
N ALA D 219 -1.60 -18.60 2.52
CA ALA D 219 -2.10 -18.43 3.87
C ALA D 219 -3.39 -17.61 3.84
N ASP D 220 -4.53 -18.23 4.25
CA ASP D 220 -5.80 -17.49 4.31
C ASP D 220 -5.78 -16.92 5.73
N VAL D 221 -5.44 -15.63 5.79
CA VAL D 221 -5.10 -15.00 7.11
C VAL D 221 -6.27 -15.03 8.11
N PHE D 222 -7.53 -14.65 7.74
CA PHE D 222 -8.61 -14.66 8.73
C PHE D 222 -9.06 -16.06 9.21
N LEU D 223 -9.43 -16.98 8.28
CA LEU D 223 -9.98 -18.30 8.67
C LEU D 223 -8.90 -19.34 8.94
N GLY D 224 -7.90 -19.44 8.02
CA GLY D 224 -7.00 -20.58 8.09
C GLY D 224 -5.81 -20.39 9.04
N VAL D 225 -5.13 -19.22 9.01
CA VAL D 225 -3.86 -19.09 9.77
C VAL D 225 -4.11 -19.33 11.29
N PRO D 226 -5.26 -18.95 11.94
CA PRO D 226 -5.37 -19.24 13.36
C PRO D 226 -5.38 -20.76 13.63
N PHE D 227 -5.96 -21.54 12.70
CA PHE D 227 -5.91 -23.02 12.84
C PHE D 227 -4.52 -23.55 12.56
N ASN D 228 -3.83 -23.00 11.56
CA ASN D 228 -2.48 -23.49 11.23
C ASN D 228 -1.52 -23.25 12.39
N ILE D 229 -1.54 -22.01 12.94
CA ILE D 229 -0.65 -21.71 14.08
C ILE D 229 -0.83 -22.73 15.21
N ALA D 230 -2.12 -22.94 15.61
CA ALA D 230 -2.34 -23.80 16.78
C ALA D 230 -1.98 -25.23 16.44
N SER D 231 -2.23 -25.65 15.20
CA SER D 231 -1.92 -27.04 14.82
CA SER D 231 -1.90 -27.03 14.79
C SER D 231 -0.40 -27.35 14.91
N TYR D 232 0.49 -26.46 14.39
CA TYR D 232 1.95 -26.74 14.38
C TYR D 232 2.52 -26.46 15.77
N ALA D 233 1.86 -25.59 16.52
CA ALA D 233 2.32 -25.45 17.93
C ALA D 233 1.98 -26.76 18.72
N LEU D 234 0.75 -27.30 18.55
CA LEU D 234 0.37 -28.64 19.11
C LEU D 234 1.36 -29.75 18.66
N LEU D 235 1.70 -29.81 17.34
CA LEU D 235 2.61 -30.86 16.84
C LEU D 235 3.98 -30.72 17.54
N THR D 236 4.50 -29.50 17.71
CA THR D 236 5.79 -29.26 18.35
C THR D 236 5.77 -29.74 19.82
N HIS D 237 4.70 -29.46 20.60
CA HIS D 237 4.55 -29.98 21.98
C HIS D 237 4.50 -31.52 21.97
N LEU D 238 3.70 -32.17 21.07
CA LEU D 238 3.67 -33.67 21.13
C LEU D 238 5.10 -34.24 20.92
N ILE D 239 5.82 -33.70 19.93
CA ILE D 239 7.18 -34.21 19.63
C ILE D 239 8.13 -33.93 20.80
N ALA D 240 8.13 -32.72 21.33
CA ALA D 240 8.91 -32.43 22.53
C ALA D 240 8.60 -33.46 23.66
N HIS D 241 7.31 -33.78 23.86
CA HIS D 241 6.93 -34.77 24.89
C HIS D 241 7.64 -36.09 24.67
N GLU D 242 7.51 -36.60 23.43
CA GLU D 242 8.07 -37.93 23.14
C GLU D 242 9.62 -37.95 23.26
N THR D 243 10.27 -36.86 22.83
CA THR D 243 11.74 -36.78 22.79
C THR D 243 12.37 -36.26 24.10
N GLY D 244 11.55 -35.97 25.06
CA GLY D 244 12.00 -35.54 26.40
C GLY D 244 12.68 -34.15 26.40
N LEU D 245 12.22 -33.27 25.49
CA LEU D 245 12.70 -31.87 25.36
C LEU D 245 11.64 -30.88 25.84
N GLU D 246 12.13 -29.64 26.15
CA GLU D 246 11.24 -28.51 26.43
CA GLU D 246 11.20 -28.53 26.42
C GLU D 246 10.87 -27.85 25.10
N VAL D 247 9.88 -26.91 25.10
CA VAL D 247 9.50 -26.22 23.84
C VAL D 247 10.27 -24.91 23.68
N GLY D 248 10.57 -24.60 22.40
CA GLY D 248 11.29 -23.40 22.06
C GLY D 248 10.28 -22.47 21.35
N GLU D 249 10.55 -22.11 20.07
CA GLU D 249 9.66 -21.19 19.34
C GLU D 249 9.05 -21.87 18.11
N PHE D 250 7.86 -21.42 17.70
CA PHE D 250 7.31 -21.83 16.38
C PHE D 250 7.52 -20.56 15.53
N VAL D 251 8.27 -20.74 14.41
CA VAL D 251 8.51 -19.68 13.43
C VAL D 251 7.57 -19.94 12.27
N HIS D 252 6.69 -18.96 11.90
CA HIS D 252 5.78 -19.18 10.77
C HIS D 252 6.20 -18.28 9.61
N THR D 253 6.58 -18.90 8.47
CA THR D 253 7.01 -18.09 7.32
C THR D 253 5.95 -18.21 6.22
N LEU D 254 5.46 -17.08 5.63
CA LEU D 254 4.43 -17.13 4.58
C LEU D 254 4.96 -16.75 3.21
N GLY D 255 4.36 -17.38 2.21
CA GLY D 255 4.44 -16.99 0.78
C GLY D 255 3.34 -15.95 0.42
N ASP D 256 2.28 -16.38 -0.28
CA ASP D 256 1.15 -15.48 -0.50
C ASP D 256 0.32 -15.44 0.79
N ALA D 257 0.39 -14.27 1.50
CA ALA D 257 -0.45 -14.04 2.66
C ALA D 257 -1.66 -13.18 2.20
N HIS D 258 -2.88 -13.72 2.31
CA HIS D 258 -4.04 -13.05 1.72
C HIS D 258 -5.20 -12.94 2.71
N LEU D 259 -5.89 -11.79 2.73
CA LEU D 259 -7.23 -11.70 3.31
CA LEU D 259 -7.22 -11.70 3.30
C LEU D 259 -8.24 -11.76 2.13
N TYR D 260 -9.25 -12.62 2.29
CA TYR D 260 -10.33 -12.72 1.28
C TYR D 260 -11.10 -11.39 1.36
N GLN D 261 -11.68 -10.90 0.27
CA GLN D 261 -12.23 -9.55 0.39
C GLN D 261 -13.53 -9.62 1.18
N ASN D 262 -14.14 -10.83 1.28
CA ASN D 262 -15.30 -10.95 2.17
C ASN D 262 -14.97 -11.40 3.59
N HIS D 263 -13.72 -11.13 4.03
CA HIS D 263 -13.32 -11.23 5.45
C HIS D 263 -12.84 -9.89 6.04
N VAL D 264 -12.99 -8.77 5.27
CA VAL D 264 -12.50 -7.48 5.67
CA VAL D 264 -12.47 -7.50 5.72
C VAL D 264 -13.19 -6.93 6.93
N GLU D 265 -14.55 -6.95 6.97
CA GLU D 265 -15.26 -6.43 8.15
C GLU D 265 -14.94 -7.24 9.38
N GLN D 266 -14.67 -8.56 9.18
CA GLN D 266 -14.37 -9.46 10.31
C GLN D 266 -12.98 -9.13 10.88
N MET D 267 -12.00 -8.86 10.02
CA MET D 267 -10.65 -8.59 10.47
C MET D 267 -10.73 -7.28 11.24
N GLN D 268 -11.49 -6.29 10.66
CA GLN D 268 -11.56 -5.01 11.36
C GLN D 268 -12.18 -5.15 12.76
N GLU D 269 -13.28 -5.97 12.84
CA GLU D 269 -13.86 -6.12 14.20
C GLU D 269 -12.86 -6.77 15.20
N GLN D 270 -12.07 -7.79 14.68
CA GLN D 270 -11.07 -8.49 15.51
C GLN D 270 -10.05 -7.48 16.05
N LEU D 271 -9.67 -6.52 15.22
CA LEU D 271 -8.62 -5.55 15.59
C LEU D 271 -9.08 -4.52 16.64
N SER D 272 -10.38 -4.38 16.86
CA SER D 272 -10.95 -3.53 17.87
C SER D 272 -10.84 -4.08 19.31
N ARG D 273 -10.47 -5.40 19.45
CA ARG D 273 -10.62 -6.07 20.76
C ARG D 273 -9.27 -6.22 21.51
N GLU D 274 -9.26 -6.07 22.85
CA GLU D 274 -8.02 -6.16 23.63
C GLU D 274 -7.56 -7.62 23.80
N VAL D 275 -6.26 -7.85 23.58
CA VAL D 275 -5.75 -9.22 23.69
C VAL D 275 -5.79 -9.67 25.14
N ARG D 276 -5.98 -10.98 25.32
CA ARG D 276 -6.02 -11.61 26.67
C ARG D 276 -4.95 -12.71 26.74
N SER D 277 -4.64 -13.20 27.94
CA SER D 277 -3.63 -14.24 28.13
C SER D 277 -3.93 -15.47 27.32
N PHE D 278 -2.89 -15.99 26.62
CA PHE D 278 -3.03 -17.27 25.96
C PHE D 278 -3.31 -18.35 27.05
N PRO D 279 -3.99 -19.46 26.67
CA PRO D 279 -4.25 -20.61 27.58
C PRO D 279 -3.01 -21.49 27.82
N THR D 280 -3.10 -22.58 28.61
CA THR D 280 -1.94 -23.51 28.76
C THR D 280 -2.36 -24.88 28.21
N LEU D 281 -1.48 -25.56 27.49
CA LEU D 281 -1.68 -26.94 26.99
C LEU D 281 -1.36 -27.99 28.03
N VAL D 282 -2.26 -28.98 28.17
CA VAL D 282 -2.06 -30.08 29.11
C VAL D 282 -2.04 -31.40 28.33
N LEU D 283 -0.93 -32.17 28.48
CA LEU D 283 -0.88 -33.49 27.83
C LEU D 283 -0.86 -34.67 28.81
N ASN D 284 -1.44 -35.81 28.40
CA ASN D 284 -1.46 -37.03 29.23
C ASN D 284 -0.03 -37.52 29.43
N PRO D 285 0.52 -37.50 30.64
CA PRO D 285 1.94 -37.88 30.80
C PRO D 285 2.32 -39.36 30.52
N ASP D 286 1.31 -40.22 30.57
CA ASP D 286 1.47 -41.64 30.40
C ASP D 286 1.58 -42.03 28.93
N LYS D 287 1.32 -41.12 27.96
CA LYS D 287 1.43 -41.51 26.56
CA LYS D 287 1.43 -41.53 26.56
C LYS D 287 2.88 -41.35 26.12
N ALA D 288 3.46 -42.38 25.49
CA ALA D 288 4.87 -42.38 25.13
C ALA D 288 5.13 -41.81 23.72
N SER D 289 4.51 -42.37 22.67
CA SER D 289 4.76 -41.93 21.28
C SER D 289 3.74 -40.83 20.87
N VAL D 290 4.13 -39.94 19.96
CA VAL D 290 3.18 -38.98 19.37
C VAL D 290 1.97 -39.70 18.73
N PHE D 291 2.23 -40.90 18.16
CA PHE D 291 1.19 -41.68 17.48
C PHE D 291 0.21 -42.40 18.43
N ASP D 292 0.46 -42.39 19.76
CA ASP D 292 -0.44 -43.04 20.73
C ASP D 292 -1.45 -42.07 21.32
N PHE D 293 -1.32 -40.74 21.00
CA PHE D 293 -2.24 -39.77 21.60
C PHE D 293 -3.58 -39.90 20.89
N ASP D 294 -4.66 -39.74 21.66
CA ASP D 294 -6.02 -39.62 21.14
C ASP D 294 -6.69 -38.36 21.68
N MET D 295 -8.00 -38.18 21.39
CA MET D 295 -8.68 -36.91 21.60
CA MET D 295 -8.65 -36.90 21.62
C MET D 295 -8.66 -36.57 23.11
N GLU D 296 -8.89 -37.58 23.97
CA GLU D 296 -9.00 -37.30 25.40
C GLU D 296 -7.63 -37.07 26.08
N ASP D 297 -6.53 -37.25 25.34
CA ASP D 297 -5.16 -37.06 25.88
C ASP D 297 -4.63 -35.64 25.79
N ILE D 298 -5.44 -34.69 25.24
CA ILE D 298 -4.93 -33.38 24.88
C ILE D 298 -5.99 -32.36 25.25
N LYS D 299 -5.65 -31.33 26.05
CA LYS D 299 -6.63 -30.28 26.37
C LYS D 299 -5.95 -28.92 26.50
N VAL D 300 -6.71 -27.82 26.35
CA VAL D 300 -6.31 -26.47 26.80
C VAL D 300 -7.11 -26.03 27.99
N GLU D 301 -6.35 -25.38 28.91
CA GLU D 301 -6.89 -24.85 30.15
C GLU D 301 -6.72 -23.33 30.25
N GLY D 302 -7.71 -22.68 30.89
CA GLY D 302 -7.66 -21.21 31.07
C GLY D 302 -7.98 -20.47 29.75
N TYR D 303 -8.80 -21.01 28.85
CA TYR D 303 -9.03 -20.27 27.59
C TYR D 303 -10.27 -19.41 27.73
N ASP D 304 -10.15 -18.09 27.59
CA ASP D 304 -11.32 -17.24 27.80
C ASP D 304 -11.38 -16.18 26.68
N PRO D 305 -11.69 -16.59 25.46
CA PRO D 305 -11.64 -15.67 24.33
C PRO D 305 -12.82 -14.71 24.29
N HIS D 306 -12.63 -13.70 23.46
CA HIS D 306 -13.79 -12.92 23.02
C HIS D 306 -14.69 -13.77 22.09
N PRO D 307 -15.90 -13.27 21.70
CA PRO D 307 -16.79 -14.08 20.90
C PRO D 307 -16.36 -14.48 19.48
N THR D 308 -16.97 -15.63 19.08
CA THR D 308 -16.84 -16.12 17.69
C THR D 308 -17.19 -14.96 16.71
N ILE D 309 -16.36 -14.87 15.65
CA ILE D 309 -16.62 -13.97 14.53
C ILE D 309 -16.77 -14.83 13.31
N LYS D 310 -18.00 -15.09 12.83
CA LYS D 310 -18.20 -15.94 11.64
C LYS D 310 -17.75 -15.31 10.32
N ALA D 311 -17.26 -16.20 9.42
CA ALA D 311 -16.91 -15.75 8.07
C ALA D 311 -17.04 -16.93 7.08
N PRO D 312 -17.34 -16.70 5.79
CA PRO D 312 -17.51 -17.80 4.81
C PRO D 312 -16.19 -18.35 4.20
N ILE D 313 -16.06 -19.70 4.06
CA ILE D 313 -14.87 -20.33 3.48
C ILE D 313 -14.83 -20.23 1.94
N ALA D 314 -13.65 -19.86 1.33
CA ALA D 314 -13.51 -19.76 -0.13
C ALA D 314 -13.22 -21.17 -0.67
N VAL D 315 -14.09 -21.68 -1.54
CA VAL D 315 -13.92 -23.04 -2.13
C VAL D 315 -13.11 -22.92 -3.43
#